data_5YGQ
#
_entry.id   5YGQ
#
_cell.length_a   70.868
_cell.length_b   81.227
_cell.length_c   122.182
_cell.angle_alpha   90.00
_cell.angle_beta   90.00
_cell.angle_gamma   90.00
#
_symmetry.space_group_name_H-M   'P 21 21 21'
#
loop_
_entity.id
_entity.type
_entity.pdbx_description
1 polymer 'Ferredoxin--NADP reductase'
2 non-polymer 'FLAVIN-ADENINE DINUCLEOTIDE'
3 water water
#
_entity_poly.entity_id   1
_entity_poly.type   'polypeptide(L)'
_entity_poly.pdbx_seq_one_letter_code
;MTETIKTDVLIVGAGPCGLFAVFELGLLDVKAHLVDILDKVGGQCAELYPEKPIYDIPGIPMVTGHGLTEALMEQIKPFN
PTFHLSEMVENVEKIGDPGFRVTTNAGKVFECTVLVVAAGGGSFLPKRPPVPGVEAYEGTSVHYAVRKMEDFRGKDILIV
GGGDSALDWTLNLNPIAKSMTLVHRRDDFRGAPHSVEQMRQLVASGKLDLKIGQITELQGDNGQLTGATVKLNDNTTSQI
KCDAMLPFFGLTMKLGPVANWGLDLENNLIPVDTGTFETNVPGIFAIGDINTYPGKLKLILSGFHEGALMAQKAVKYVYP
DKRVVFQYTTSSTNLQKKLGVN
;
_entity_poly.pdbx_strand_id   A,B
#
# COMPACT_ATOMS: atom_id res chain seq x y z
N THR A 2 32.10 17.59 11.58
CA THR A 2 33.27 16.76 12.07
C THR A 2 32.73 15.37 12.53
N GLU A 3 32.01 15.33 13.65
CA GLU A 3 31.63 14.04 14.32
C GLU A 3 30.62 13.27 13.46
N THR A 4 30.83 11.97 13.31
CA THR A 4 29.98 11.18 12.52
C THR A 4 28.56 11.03 13.19
N ILE A 5 27.53 11.02 12.35
CA ILE A 5 26.15 10.84 12.79
C ILE A 5 25.85 9.36 12.73
N LYS A 6 25.55 8.78 13.88
CA LYS A 6 25.29 7.37 14.08
C LYS A 6 23.80 7.14 13.99
N THR A 7 23.39 6.11 13.27
CA THR A 7 21.98 5.78 13.14
C THR A 7 21.85 4.29 12.90
N ASP A 8 20.66 3.72 13.15
CA ASP A 8 20.47 2.33 12.84
C ASP A 8 20.45 2.16 11.37
N VAL A 9 19.70 3.02 10.67
CA VAL A 9 19.44 2.86 9.26
C VAL A 9 19.65 4.20 8.57
N LEU A 10 20.36 4.17 7.45
CA LEU A 10 20.49 5.33 6.51
C LEU A 10 19.75 4.94 5.26
N ILE A 11 18.84 5.83 4.82
CA ILE A 11 18.03 5.62 3.63
C ILE A 11 18.47 6.62 2.59
N VAL A 12 18.84 6.11 1.41
CA VAL A 12 19.14 6.94 0.25
C VAL A 12 17.89 7.20 -0.55
N GLY A 13 17.37 8.43 -0.48
CA GLY A 13 16.14 8.87 -1.14
C GLY A 13 15.00 9.10 -0.14
N ALA A 14 14.16 10.10 -0.44
CA ALA A 14 12.96 10.33 0.29
C ALA A 14 11.79 10.38 -0.65
N GLY A 15 11.86 9.54 -1.68
CA GLY A 15 10.65 9.17 -2.43
C GLY A 15 9.62 8.42 -1.58
N PRO A 16 8.42 8.20 -2.15
CA PRO A 16 7.40 7.43 -1.45
C PRO A 16 7.89 6.16 -0.83
N CYS A 17 8.80 5.45 -1.48
CA CYS A 17 9.18 4.13 -0.94
C CYS A 17 10.19 4.27 0.23
N GLY A 18 11.10 5.25 0.14
CA GLY A 18 11.99 5.60 1.23
C GLY A 18 11.24 6.12 2.42
N LEU A 19 10.23 6.94 2.19
CA LEU A 19 9.43 7.42 3.31
C LEU A 19 8.68 6.29 3.99
N PHE A 20 8.03 5.42 3.25
CA PHE A 20 7.25 4.40 3.91
C PHE A 20 8.14 3.45 4.70
N ALA A 21 9.38 3.29 4.28
CA ALA A 21 10.27 2.43 5.00
C ALA A 21 10.51 2.88 6.44
N VAL A 22 10.47 4.19 6.69
CA VAL A 22 10.48 4.75 8.05
C VAL A 22 9.38 4.16 8.89
N PHE A 23 8.19 4.03 8.34
CA PHE A 23 7.02 3.41 9.05
C PHE A 23 7.27 1.99 9.50
N GLU A 24 7.66 1.18 8.55
CA GLU A 24 7.85 -0.22 8.83
C GLU A 24 9.03 -0.44 9.73
N LEU A 25 10.12 0.38 9.57
CA LEU A 25 11.26 0.25 10.47
C LEU A 25 10.81 0.70 11.88
N GLY A 26 10.01 1.76 11.94
CA GLY A 26 9.54 2.30 13.19
C GLY A 26 8.66 1.37 14.00
N LEU A 27 7.84 0.58 13.35
CA LEU A 27 7.03 -0.43 14.08
C LEU A 27 7.88 -1.44 14.82
N LEU A 28 9.17 -1.50 14.43
CA LEU A 28 10.11 -2.40 15.03
C LEU A 28 11.23 -1.69 15.79
N ASP A 29 10.97 -0.44 16.17
CA ASP A 29 11.89 0.41 16.94
C ASP A 29 13.23 0.66 16.27
N VAL A 30 13.23 0.69 14.94
CA VAL A 30 14.45 0.97 14.17
C VAL A 30 14.36 2.39 13.68
N LYS A 31 15.33 3.21 14.03
CA LYS A 31 15.28 4.62 13.63
C LYS A 31 16.02 4.85 12.31
N ALA A 32 15.72 5.95 11.62
CA ALA A 32 16.27 6.23 10.31
C ALA A 32 16.65 7.68 10.04
N HIS A 33 17.73 7.87 9.31
CA HIS A 33 18.02 9.17 8.70
C HIS A 33 17.74 8.99 7.24
N LEU A 34 17.22 10.01 6.59
CA LEU A 34 17.08 9.96 5.13
C LEU A 34 17.89 11.10 4.51
N VAL A 35 18.44 10.86 3.32
CA VAL A 35 19.23 11.85 2.59
C VAL A 35 18.71 11.92 1.17
N ASP A 36 18.37 13.10 0.67
CA ASP A 36 18.04 13.29 -0.73
C ASP A 36 18.74 14.55 -1.23
N ILE A 37 19.29 14.47 -2.43
CA ILE A 37 19.80 15.64 -3.16
C ILE A 37 18.71 16.68 -3.55
N LEU A 38 17.45 16.26 -3.66
CA LEU A 38 16.36 17.23 -3.86
C LEU A 38 16.16 18.07 -2.63
N ASP A 39 15.57 19.23 -2.83
CA ASP A 39 15.34 20.13 -1.69
C ASP A 39 14.01 19.87 -1.01
N LYS A 40 13.38 18.74 -1.31
CA LYS A 40 12.09 18.42 -0.76
C LYS A 40 11.95 16.90 -0.71
N VAL A 41 11.13 16.44 0.22
CA VAL A 41 10.70 15.04 0.29
C VAL A 41 9.70 14.74 -0.77
N GLY A 42 9.60 13.45 -1.08
CA GLY A 42 8.61 12.94 -2.00
C GLY A 42 9.08 12.46 -3.34
N GLY A 43 10.37 12.69 -3.68
CA GLY A 43 10.94 12.20 -4.91
C GLY A 43 10.13 12.57 -6.14
N GLN A 44 9.94 11.59 -7.02
CA GLN A 44 9.25 11.82 -8.29
C GLN A 44 7.88 12.39 -8.06
N CYS A 45 7.15 11.88 -7.04
CA CYS A 45 5.77 12.31 -6.86
C CYS A 45 5.76 13.81 -6.59
N ALA A 46 6.70 14.23 -5.77
CA ALA A 46 6.83 15.65 -5.41
C ALA A 46 7.54 16.50 -6.49
N GLU A 47 8.49 15.97 -7.24
CA GLU A 47 9.25 16.80 -8.23
C GLU A 47 8.66 16.86 -9.61
N LEU A 48 8.16 15.73 -10.06
CA LEU A 48 7.63 15.56 -11.43
C LEU A 48 6.11 15.59 -11.56
N TYR A 49 5.34 15.13 -10.56
CA TYR A 49 3.87 15.16 -10.67
C TYR A 49 3.05 15.50 -9.41
N PRO A 50 3.46 16.56 -8.72
CA PRO A 50 2.80 16.92 -7.49
C PRO A 50 1.32 17.19 -7.63
N GLU A 51 0.95 17.83 -8.76
CA GLU A 51 -0.43 18.28 -8.97
C GLU A 51 -1.28 17.29 -9.77
N LYS A 52 -0.68 16.18 -10.18
CA LYS A 52 -1.39 15.17 -10.94
C LYS A 52 -2.03 14.10 -10.03
N PRO A 53 -3.26 13.67 -10.36
CA PRO A 53 -3.93 12.59 -9.67
C PRO A 53 -3.32 11.22 -9.92
N ILE A 54 -3.09 10.44 -8.85
CA ILE A 54 -2.67 9.01 -8.93
C ILE A 54 -3.91 8.18 -8.59
N TYR A 55 -4.12 7.05 -9.24
CA TYR A 55 -5.29 6.22 -9.03
C TYR A 55 -5.02 4.81 -8.50
N ASP A 56 -3.74 4.43 -8.35
CA ASP A 56 -3.40 3.06 -7.95
C ASP A 56 -2.57 2.95 -6.71
N ILE A 57 -2.79 3.89 -5.79
CA ILE A 57 -2.42 3.65 -4.40
C ILE A 57 -3.57 2.81 -3.77
N PRO A 58 -3.27 1.58 -3.36
CA PRO A 58 -4.37 0.76 -2.86
C PRO A 58 -5.12 1.43 -1.74
N GLY A 59 -6.44 1.51 -1.87
CA GLY A 59 -7.33 2.02 -0.84
C GLY A 59 -7.63 3.51 -0.90
N ILE A 60 -6.99 4.22 -1.85
CA ILE A 60 -7.22 5.65 -2.08
C ILE A 60 -7.72 5.79 -3.51
N PRO A 61 -9.00 6.04 -3.70
CA PRO A 61 -9.57 6.26 -5.01
C PRO A 61 -8.79 7.22 -5.88
N MET A 62 -8.31 8.31 -5.29
CA MET A 62 -7.52 9.27 -6.03
C MET A 62 -6.76 10.19 -5.03
N VAL A 63 -5.45 10.27 -5.23
CA VAL A 63 -4.60 11.16 -4.45
C VAL A 63 -3.57 11.75 -5.37
N THR A 64 -3.15 12.93 -5.05
CA THR A 64 -2.23 13.66 -5.88
C THR A 64 -0.80 13.30 -5.45
N GLY A 65 0.16 13.55 -6.34
CA GLY A 65 1.59 13.40 -5.99
C GLY A 65 2.00 14.06 -4.70
N HIS A 66 1.52 15.27 -4.52
CA HIS A 66 1.71 16.06 -3.31
C HIS A 66 0.95 15.56 -2.13
N GLY A 67 -0.28 15.12 -2.37
CA GLY A 67 -1.16 14.60 -1.33
C GLY A 67 -0.58 13.30 -0.77
N LEU A 68 -0.04 12.46 -1.64
CA LEU A 68 0.54 11.22 -1.20
C LEU A 68 1.74 11.48 -0.35
N THR A 69 2.60 12.40 -0.81
CA THR A 69 3.78 12.83 -0.07
C THR A 69 3.42 13.38 1.29
N GLU A 70 2.38 14.20 1.31
CA GLU A 70 1.92 14.78 2.57
C GLU A 70 1.33 13.69 3.49
N ALA A 71 0.58 12.72 2.91
CA ALA A 71 0.00 11.61 3.70
C ALA A 71 1.09 10.71 4.28
N LEU A 72 2.12 10.39 3.51
CA LEU A 72 3.20 9.57 4.03
C LEU A 72 3.93 10.27 5.16
N MET A 73 4.11 11.58 5.07
CA MET A 73 4.83 12.31 6.11
C MET A 73 4.00 12.28 7.36
N GLU A 74 2.71 12.43 7.26
CA GLU A 74 1.86 12.12 8.44
C GLU A 74 2.10 10.74 9.04
N GLN A 75 2.03 9.72 8.24
CA GLN A 75 2.08 8.33 8.72
C GLN A 75 3.38 8.05 9.44
N ILE A 76 4.48 8.66 9.01
CA ILE A 76 5.78 8.37 9.58
C ILE A 76 6.19 9.29 10.69
N LYS A 77 5.50 10.40 10.84
CA LYS A 77 5.69 11.37 11.93
C LYS A 77 5.89 10.81 13.34
N PRO A 78 5.21 9.73 13.73
CA PRO A 78 5.43 9.20 15.07
C PRO A 78 6.84 8.65 15.38
N PHE A 79 7.51 8.19 14.35
CA PHE A 79 8.91 7.68 14.39
C PHE A 79 9.50 9.01 14.08
N ASN A 80 10.71 9.35 14.47
N ASN A 80 10.73 9.30 14.43
CA ASN A 80 11.12 10.80 14.29
CA ASN A 80 11.13 10.71 14.31
C ASN A 80 12.24 10.80 13.30
C ASN A 80 12.25 10.77 13.31
N PRO A 81 11.91 10.58 12.01
CA PRO A 81 12.99 10.51 11.00
C PRO A 81 13.71 11.82 10.90
N THR A 82 15.00 11.74 10.64
CA THR A 82 15.83 12.94 10.39
C THR A 82 16.14 13.00 8.87
N PHE A 83 15.71 14.07 8.23
CA PHE A 83 15.96 14.32 6.81
C PHE A 83 17.18 15.25 6.62
N HIS A 84 18.00 14.95 5.62
CA HIS A 84 19.04 15.82 5.11
C HIS A 84 18.82 16.08 3.65
N LEU A 85 18.15 17.17 3.34
CA LEU A 85 17.84 17.52 1.97
C LEU A 85 18.95 18.34 1.31
N SER A 86 18.81 18.49 -0.02
CA SER A 86 19.78 19.16 -0.86
C SER A 86 21.16 18.60 -0.61
N GLU A 87 21.26 17.29 -0.43
CA GLU A 87 22.51 16.61 -0.11
C GLU A 87 22.55 15.25 -0.78
N MET A 88 23.72 14.83 -1.12
CA MET A 88 23.89 13.72 -1.97
C MET A 88 24.76 12.72 -1.24
N VAL A 89 24.37 11.46 -1.33
CA VAL A 89 25.14 10.38 -0.80
C VAL A 89 26.13 10.00 -1.87
N GLU A 90 27.42 10.07 -1.54
CA GLU A 90 28.48 9.86 -2.51
C GLU A 90 29.21 8.53 -2.38
N ASN A 91 29.59 8.16 -1.17
CA ASN A 91 30.36 6.96 -0.97
C ASN A 91 29.77 6.11 0.11
N VAL A 92 29.92 4.79 -0.02
CA VAL A 92 29.57 3.88 1.02
C VAL A 92 30.70 2.93 1.19
N GLU A 93 30.96 2.58 2.44
CA GLU A 93 32.05 1.73 2.78
C GLU A 93 31.62 0.79 3.92
N LYS A 94 31.80 -0.51 3.74
CA LYS A 94 31.53 -1.52 4.76
C LYS A 94 32.60 -1.41 5.87
N ILE A 95 32.14 -1.26 7.11
CA ILE A 95 32.98 -1.22 8.28
C ILE A 95 32.56 -2.09 9.44
N GLY A 96 31.36 -2.67 9.44
CA GLY A 96 30.94 -3.66 10.44
C GLY A 96 30.43 -4.93 9.75
N ASP A 97 29.69 -5.75 10.51
CA ASP A 97 29.11 -7.01 10.04
C ASP A 97 27.65 -7.14 10.39
N PRO A 98 26.78 -6.31 9.85
CA PRO A 98 27.05 -5.30 8.85
C PRO A 98 27.20 -3.96 9.49
N GLY A 99 27.64 -2.98 8.71
CA GLY A 99 27.83 -1.61 9.20
C GLY A 99 28.49 -0.81 8.11
N PHE A 100 28.13 0.45 7.95
CA PHE A 100 28.53 1.20 6.82
C PHE A 100 28.83 2.59 7.22
N ARG A 101 29.86 3.13 6.57
CA ARG A 101 30.23 4.49 6.67
C ARG A 101 29.84 5.05 5.30
N VAL A 102 29.12 6.17 5.33
CA VAL A 102 28.42 6.74 4.23
C VAL A 102 28.68 8.21 4.35
N THR A 103 29.21 8.82 3.28
CA THR A 103 29.69 10.20 3.32
C THR A 103 28.92 10.96 2.23
N THR A 104 28.41 12.14 2.56
CA THR A 104 27.70 12.98 1.60
C THR A 104 28.65 13.94 0.84
N ASN A 105 28.13 14.55 -0.21
CA ASN A 105 28.89 15.49 -1.06
C ASN A 105 29.36 16.74 -0.33
N ALA A 106 28.74 17.03 0.81
CA ALA A 106 29.14 18.12 1.66
C ALA A 106 29.96 17.56 2.83
N GLY A 107 30.65 16.45 2.64
CA GLY A 107 31.49 15.89 3.72
C GLY A 107 30.83 15.47 5.02
N LYS A 108 29.50 15.43 5.09
CA LYS A 108 28.79 14.81 6.24
C LYS A 108 29.02 13.30 6.27
N VAL A 109 29.16 12.71 7.44
CA VAL A 109 29.45 11.29 7.54
C VAL A 109 28.44 10.55 8.44
N PHE A 110 27.95 9.39 7.98
CA PHE A 110 27.02 8.62 8.75
C PHE A 110 27.65 7.31 9.01
N GLU A 111 27.33 6.75 10.17
CA GLU A 111 27.64 5.37 10.44
C GLU A 111 26.36 4.71 10.79
N CYS A 112 26.05 3.61 10.10
CA CYS A 112 24.79 2.96 10.27
C CYS A 112 25.03 1.48 10.21
N THR A 113 24.11 0.73 10.78
CA THR A 113 24.19 -0.74 10.83
C THR A 113 23.71 -1.25 9.48
N VAL A 114 22.65 -0.62 8.99
CA VAL A 114 22.00 -1.04 7.76
C VAL A 114 21.85 0.11 6.83
N LEU A 115 22.08 -0.17 5.54
CA LEU A 115 21.86 0.82 4.49
C LEU A 115 20.69 0.40 3.64
N VAL A 116 19.76 1.33 3.37
CA VAL A 116 18.61 1.06 2.52
C VAL A 116 18.70 2.00 1.32
N VAL A 117 18.97 1.42 0.13
CA VAL A 117 19.01 2.22 -1.10
C VAL A 117 17.59 2.37 -1.61
N ALA A 118 17.03 3.56 -1.46
CA ALA A 118 15.76 3.88 -2.10
C ALA A 118 15.90 4.95 -3.15
N ALA A 119 16.92 4.81 -4.02
CA ALA A 119 17.35 5.86 -4.99
C ALA A 119 16.43 6.06 -6.22
N GLY A 120 15.49 5.14 -6.43
CA GLY A 120 14.49 5.31 -7.37
C GLY A 120 14.97 5.30 -8.80
N GLY A 121 14.59 6.35 -9.51
CA GLY A 121 15.05 6.57 -10.90
C GLY A 121 16.47 7.03 -10.99
N GLY A 122 17.05 7.31 -9.84
CA GLY A 122 18.40 7.84 -9.74
C GLY A 122 18.36 9.20 -9.08
N SER A 123 19.55 9.74 -8.82
CA SER A 123 19.69 11.13 -8.31
C SER A 123 19.17 12.14 -9.30
N PHE A 124 18.38 13.06 -8.77
CA PHE A 124 17.93 14.20 -9.55
C PHE A 124 19.11 15.17 -9.67
N LEU A 125 19.41 15.58 -10.90
CA LEU A 125 20.50 16.51 -11.18
C LEU A 125 20.14 17.53 -12.27
N PRO A 126 20.75 18.72 -12.24
CA PRO A 126 20.57 19.82 -13.24
C PRO A 126 20.81 19.37 -14.62
N LYS A 127 19.91 19.65 -15.55
CA LYS A 127 20.20 19.23 -16.90
C LYS A 127 21.06 20.25 -17.63
N ARG A 128 21.92 19.68 -18.49
CA ARG A 128 22.79 20.44 -19.39
C ARG A 128 21.90 21.18 -20.31
N PRO A 129 22.21 22.48 -20.53
CA PRO A 129 21.60 23.12 -21.68
C PRO A 129 22.43 22.76 -22.94
N PRO A 130 21.75 22.67 -24.12
CA PRO A 130 22.45 22.55 -25.42
C PRO A 130 23.22 23.80 -25.98
N VAL A 131 24.28 24.30 -25.36
CA VAL A 131 24.97 25.53 -25.91
C VAL A 131 25.87 25.52 -27.25
N PRO A 132 26.72 24.53 -27.57
CA PRO A 132 27.06 23.42 -26.74
C PRO A 132 27.61 23.95 -25.45
N GLY A 133 27.07 23.46 -24.34
CA GLY A 133 27.44 23.90 -23.00
C GLY A 133 28.31 22.89 -22.27
N VAL A 134 28.84 21.88 -23.00
CA VAL A 134 29.66 20.74 -22.44
C VAL A 134 31.07 21.31 -22.26
N GLU A 135 31.28 22.02 -21.14
CA GLU A 135 32.11 23.18 -21.22
C GLU A 135 33.32 23.30 -20.33
N ALA A 136 34.31 23.90 -20.97
CA ALA A 136 35.44 24.55 -20.32
C ALA A 136 35.05 25.35 -19.06
N TYR A 137 33.86 25.98 -19.13
CA TYR A 137 33.46 26.96 -18.14
C TYR A 137 32.88 26.35 -16.90
N GLU A 138 32.65 25.04 -16.89
CA GLU A 138 31.88 24.38 -15.81
C GLU A 138 32.43 24.37 -14.39
N GLY A 139 33.74 24.31 -14.22
CA GLY A 139 34.28 24.30 -12.86
C GLY A 139 34.12 25.66 -12.19
N THR A 140 34.26 26.70 -13.01
CA THR A 140 34.70 28.02 -12.58
C THR A 140 33.71 29.21 -12.88
N SER A 141 33.07 29.23 -14.05
CA SER A 141 32.09 30.31 -14.38
C SER A 141 30.70 29.88 -14.93
N VAL A 142 30.48 28.59 -15.25
CA VAL A 142 29.12 28.00 -15.47
C VAL A 142 28.80 27.15 -14.23
N HIS A 143 27.71 27.49 -13.57
CA HIS A 143 27.35 26.85 -12.33
C HIS A 143 25.91 26.37 -12.48
N TYR A 144 25.62 25.23 -11.88
CA TYR A 144 24.27 24.70 -11.83
C TYR A 144 23.66 24.86 -10.45
N ALA A 145 24.49 25.30 -9.50
CA ALA A 145 24.03 25.57 -8.15
C ALA A 145 24.86 26.72 -7.60
N VAL A 146 24.28 27.35 -6.57
CA VAL A 146 24.93 28.47 -5.89
C VAL A 146 25.96 27.99 -4.90
N ARG A 147 27.12 28.66 -4.91
CA ARG A 147 28.14 28.34 -3.92
C ARG A 147 27.72 29.04 -2.59
N LYS A 148 28.30 30.19 -2.25
CA LYS A 148 27.67 31.14 -1.33
C LYS A 148 27.43 32.34 -2.26
N MET A 149 26.46 33.19 -1.93
CA MET A 149 26.13 34.34 -2.80
C MET A 149 27.19 35.44 -2.86
N GLU A 150 28.15 35.48 -1.93
CA GLU A 150 29.30 36.43 -2.00
C GLU A 150 30.11 36.24 -3.29
N ASP A 151 30.16 34.99 -3.78
CA ASP A 151 30.84 34.64 -5.03
C ASP A 151 30.38 35.52 -6.22
N PHE A 152 29.10 35.95 -6.18
CA PHE A 152 28.45 36.79 -7.21
C PHE A 152 28.20 38.32 -6.93
N ARG A 153 28.72 38.87 -5.82
CA ARG A 153 28.76 40.34 -5.66
C ARG A 153 29.35 41.01 -6.85
N GLY A 154 28.68 42.06 -7.33
CA GLY A 154 29.26 42.91 -8.39
C GLY A 154 29.81 42.14 -9.57
N LYS A 155 29.15 41.06 -9.94
CA LYS A 155 29.48 40.28 -11.13
C LYS A 155 28.36 40.60 -12.13
N ASP A 156 28.68 40.48 -13.43
CA ASP A 156 27.69 40.45 -14.50
C ASP A 156 27.19 38.99 -14.69
N ILE A 157 25.90 38.78 -14.51
CA ILE A 157 25.33 37.46 -14.36
C ILE A 157 24.37 37.21 -15.53
N LEU A 158 24.58 36.10 -16.20
CA LEU A 158 23.71 35.56 -17.23
C LEU A 158 22.92 34.37 -16.62
N ILE A 159 21.61 34.49 -16.47
CA ILE A 159 20.82 33.36 -15.99
C ILE A 159 19.99 32.90 -17.13
N VAL A 160 19.98 31.59 -17.39
CA VAL A 160 19.19 31.01 -18.45
C VAL A 160 18.16 30.08 -17.90
N GLY A 161 16.92 30.33 -18.27
CA GLY A 161 15.79 29.50 -17.88
C GLY A 161 14.56 30.31 -17.54
N GLY A 162 13.47 29.60 -17.23
CA GLY A 162 12.22 30.27 -16.98
C GLY A 162 11.26 29.64 -16.03
N GLY A 163 11.73 28.71 -15.20
CA GLY A 163 10.93 28.07 -14.15
C GLY A 163 11.27 28.76 -12.85
N ASP A 164 10.72 28.21 -11.76
CA ASP A 164 10.92 28.75 -10.41
C ASP A 164 12.37 28.98 -10.04
N SER A 165 13.25 28.01 -10.31
CA SER A 165 14.63 28.16 -9.86
C SER A 165 15.27 29.38 -10.49
N ALA A 166 15.20 29.46 -11.83
CA ALA A 166 15.77 30.58 -12.62
C ALA A 166 15.31 31.92 -12.05
N LEU A 167 14.01 31.99 -11.88
CA LEU A 167 13.36 33.19 -11.35
C LEU A 167 13.79 33.44 -9.90
N ASP A 168 13.79 32.42 -9.05
CA ASP A 168 14.27 32.60 -7.67
C ASP A 168 15.71 33.18 -7.66
N TRP A 169 16.60 32.65 -8.47
CA TRP A 169 18.01 33.09 -8.45
C TRP A 169 18.23 34.46 -9.06
N THR A 170 17.46 34.81 -10.09
CA THR A 170 17.52 36.16 -10.67
C THR A 170 17.19 37.19 -9.58
N LEU A 171 16.01 36.99 -8.95
CA LEU A 171 15.47 37.88 -7.89
C LEU A 171 16.39 37.94 -6.67
N ASN A 172 16.94 36.80 -6.24
CA ASN A 172 17.84 36.77 -5.07
C ASN A 172 19.22 37.34 -5.40
N LEU A 173 19.71 37.19 -6.65
CA LEU A 173 21.02 37.70 -7.03
C LEU A 173 21.01 39.10 -7.60
N ASN A 174 19.84 39.64 -7.92
CA ASN A 174 19.81 40.96 -8.58
C ASN A 174 20.26 42.16 -7.73
N PRO A 175 19.89 42.20 -6.41
CA PRO A 175 20.32 43.34 -5.59
C PRO A 175 21.85 43.48 -5.54
N ILE A 176 22.56 42.36 -5.46
CA ILE A 176 24.05 42.37 -5.41
C ILE A 176 24.78 42.38 -6.75
N ALA A 177 24.10 42.05 -7.85
CA ALA A 177 24.81 41.87 -9.08
C ALA A 177 25.24 43.25 -9.57
N LYS A 178 26.37 43.30 -10.28
CA LYS A 178 26.75 44.49 -11.04
C LYS A 178 25.71 44.70 -12.17
N SER A 179 25.51 43.68 -13.00
CA SER A 179 24.44 43.60 -14.03
C SER A 179 23.91 42.15 -14.15
N MET A 180 22.76 41.99 -14.81
CA MET A 180 22.13 40.71 -15.01
C MET A 180 21.31 40.67 -16.33
N THR A 181 21.44 39.57 -17.05
CA THR A 181 20.58 39.23 -18.14
C THR A 181 19.86 37.91 -17.85
N LEU A 182 18.57 37.90 -18.09
CA LEU A 182 17.83 36.68 -18.09
C LEU A 182 17.47 36.30 -19.53
N VAL A 183 17.76 35.08 -19.92
CA VAL A 183 17.33 34.54 -21.25
C VAL A 183 16.52 33.24 -21.07
N HIS A 184 15.35 33.25 -21.71
CA HIS A 184 14.46 32.09 -21.82
C HIS A 184 13.93 32.05 -23.26
N ARG A 185 13.68 30.83 -23.75
CA ARG A 185 13.19 30.58 -25.14
C ARG A 185 11.84 31.21 -25.48
N ARG A 186 10.97 31.42 -24.48
CA ARG A 186 9.69 32.07 -24.66
C ARG A 186 9.43 33.15 -23.62
N ASP A 187 8.67 34.19 -24.00
CA ASP A 187 8.32 35.30 -23.11
C ASP A 187 7.08 34.94 -22.32
N ASP A 188 7.15 33.79 -21.68
CA ASP A 188 6.00 33.23 -20.97
C ASP A 188 6.59 32.52 -19.79
N PHE A 189 6.13 32.86 -18.61
CA PHE A 189 6.69 32.29 -17.39
C PHE A 189 5.58 31.57 -16.61
N ARG A 190 5.78 30.26 -16.51
CA ARG A 190 4.81 29.27 -16.10
C ARG A 190 4.99 28.93 -14.60
N GLY A 191 6.13 29.30 -13.97
CA GLY A 191 6.33 29.11 -12.52
C GLY A 191 5.44 30.03 -11.72
N ALA A 192 5.61 30.00 -10.38
CA ALA A 192 4.71 30.66 -9.40
C ALA A 192 4.61 32.17 -9.73
N PRO A 193 3.36 32.68 -9.96
CA PRO A 193 3.13 34.03 -10.58
C PRO A 193 3.60 35.29 -9.74
N HIS A 194 3.83 35.09 -8.44
CA HIS A 194 4.49 36.13 -7.63
C HIS A 194 5.92 36.39 -8.12
N SER A 195 6.64 35.32 -8.43
CA SER A 195 8.04 35.40 -8.92
C SER A 195 8.12 36.11 -10.29
N VAL A 196 7.26 35.60 -11.19
CA VAL A 196 7.12 36.10 -12.55
C VAL A 196 6.93 37.63 -12.58
N GLU A 197 6.14 38.15 -11.66
CA GLU A 197 5.82 39.56 -11.65
C GLU A 197 6.86 40.46 -10.98
N GLN A 198 7.55 39.97 -9.95
CA GLN A 198 8.68 40.68 -9.37
C GLN A 198 9.82 40.76 -10.38
N MET A 199 9.96 39.69 -11.17
CA MET A 199 10.95 39.65 -12.25
C MET A 199 10.66 40.74 -13.27
N ARG A 200 9.39 40.83 -13.73
CA ARG A 200 8.96 41.84 -14.71
C ARG A 200 9.03 43.23 -14.16
N GLN A 201 8.87 43.37 -12.82
CA GLN A 201 9.20 44.62 -12.11
C GLN A 201 10.67 45.03 -12.30
N LEU A 202 11.59 44.07 -12.18
CA LEU A 202 13.00 44.31 -12.44
C LEU A 202 13.34 44.72 -13.91
N VAL A 203 12.73 44.02 -14.90
CA VAL A 203 12.83 44.43 -16.33
C VAL A 203 12.36 45.89 -16.54
N ALA A 204 11.11 46.14 -16.14
CA ALA A 204 10.47 47.45 -16.27
C ALA A 204 11.20 48.58 -15.50
N SER A 205 11.86 48.25 -14.39
CA SER A 205 12.64 49.25 -13.66
C SER A 205 14.08 49.48 -14.22
N GLY A 206 14.43 48.93 -15.38
CA GLY A 206 15.81 49.02 -15.88
C GLY A 206 16.89 48.23 -15.13
N LYS A 207 16.50 47.37 -14.18
CA LYS A 207 17.46 46.56 -13.38
C LYS A 207 17.79 45.19 -14.01
N LEU A 208 16.98 44.73 -14.95
CA LEU A 208 17.16 43.41 -15.57
C LEU A 208 17.01 43.50 -17.08
N ASP A 209 17.97 42.97 -17.83
CA ASP A 209 17.85 42.74 -19.28
C ASP A 209 17.17 41.43 -19.58
N LEU A 210 16.08 41.45 -20.35
CA LEU A 210 15.41 40.24 -20.81
C LEU A 210 15.65 39.98 -22.29
N LYS A 211 16.01 38.76 -22.65
CA LYS A 211 16.25 38.44 -24.04
C LYS A 211 15.54 37.13 -24.28
N ILE A 212 14.68 37.11 -25.29
CA ILE A 212 13.92 35.93 -25.60
C ILE A 212 14.63 35.13 -26.71
N GLY A 213 15.09 33.92 -26.35
CA GLY A 213 15.77 33.04 -27.30
C GLY A 213 16.60 31.96 -26.65
N GLN A 214 17.72 31.64 -27.31
CA GLN A 214 18.63 30.54 -26.93
C GLN A 214 20.10 30.94 -27.09
N ILE A 215 20.93 30.50 -26.17
CA ILE A 215 22.35 30.87 -26.18
C ILE A 215 23.05 29.99 -27.23
N THR A 216 23.77 30.59 -28.19
CA THR A 216 24.43 29.80 -29.28
C THR A 216 25.96 29.67 -29.17
N GLU A 217 26.60 30.55 -28.41
CA GLU A 217 28.05 30.68 -28.38
C GLU A 217 28.45 31.31 -27.09
N LEU A 218 29.63 30.93 -26.58
CA LEU A 218 30.21 31.56 -25.36
C LEU A 218 31.56 32.22 -25.64
N GLN A 219 31.86 33.28 -24.84
CA GLN A 219 33.13 34.04 -24.92
C GLN A 219 33.95 33.87 -23.66
N GLY A 220 35.21 33.44 -23.84
CA GLY A 220 36.16 33.31 -22.71
C GLY A 220 37.20 32.22 -22.85
N ASP A 221 38.47 32.58 -22.70
CA ASP A 221 39.57 31.59 -22.60
C ASP A 221 39.71 31.16 -21.13
N ASN A 222 40.54 30.13 -20.88
CA ASN A 222 40.80 29.59 -19.50
C ASN A 222 39.54 29.16 -18.67
N GLY A 223 38.44 28.84 -19.35
CA GLY A 223 37.14 28.54 -18.69
C GLY A 223 36.48 29.66 -17.88
N GLN A 224 36.79 30.92 -18.21
CA GLN A 224 36.23 32.10 -17.53
C GLN A 224 35.44 32.92 -18.55
N LEU A 225 34.16 33.13 -18.22
CA LEU A 225 33.23 33.86 -19.10
C LEU A 225 33.48 35.35 -19.08
N THR A 226 33.32 35.92 -20.26
CA THR A 226 33.27 37.37 -20.47
C THR A 226 32.02 37.80 -21.25
N GLY A 227 31.42 36.90 -22.03
CA GLY A 227 30.14 37.20 -22.65
C GLY A 227 29.53 35.99 -23.31
N ALA A 228 28.46 36.22 -24.04
CA ALA A 228 27.68 35.15 -24.60
C ALA A 228 26.87 35.73 -25.74
N THR A 229 26.61 34.88 -26.76
CA THR A 229 25.73 35.24 -27.90
C THR A 229 24.39 34.55 -27.74
N VAL A 230 23.32 35.34 -27.81
CA VAL A 230 21.95 34.83 -27.86
C VAL A 230 21.39 35.05 -29.26
N LYS A 231 20.68 34.04 -29.73
CA LYS A 231 19.87 34.15 -30.91
C LYS A 231 18.44 34.32 -30.51
N LEU A 232 17.88 35.46 -30.90
CA LEU A 232 16.50 35.82 -30.65
C LEU A 232 15.55 35.08 -31.63
N ASN A 233 14.25 35.15 -31.40
CA ASN A 233 13.29 34.38 -32.23
C ASN A 233 13.06 34.96 -33.67
N ASP A 234 13.90 35.93 -34.05
CA ASP A 234 13.92 36.54 -35.36
C ASP A 234 15.15 36.12 -36.12
N ASN A 235 15.80 35.05 -35.69
CA ASN A 235 17.19 34.71 -36.04
C ASN A 235 18.22 35.86 -35.88
N THR A 236 17.87 36.88 -35.10
CA THR A 236 18.74 38.02 -34.87
C THR A 236 19.62 37.58 -33.70
N THR A 237 20.91 37.95 -33.72
CA THR A 237 21.76 37.71 -32.56
C THR A 237 22.00 38.99 -31.77
N SER A 238 22.59 38.83 -30.59
CA SER A 238 22.80 39.95 -29.70
C SER A 238 23.86 39.52 -28.67
N GLN A 239 24.67 40.46 -28.18
CA GLN A 239 25.76 40.16 -27.25
C GLN A 239 25.41 40.50 -25.76
N ILE A 240 25.92 39.71 -24.82
CA ILE A 240 25.60 39.83 -23.41
C ILE A 240 26.94 39.79 -22.70
N LYS A 241 27.12 40.71 -21.75
CA LYS A 241 28.30 40.73 -20.85
C LYS A 241 28.00 39.90 -19.59
N CYS A 242 28.86 38.93 -19.30
CA CYS A 242 28.66 38.02 -18.16
C CYS A 242 29.99 37.47 -17.69
N ASP A 243 30.21 37.63 -16.38
CA ASP A 243 31.22 36.89 -15.62
C ASP A 243 30.77 35.45 -15.26
N ALA A 244 29.45 35.22 -15.18
CA ALA A 244 28.92 33.95 -14.71
C ALA A 244 27.58 33.64 -15.42
N MET A 245 27.47 32.41 -15.91
CA MET A 245 26.26 31.87 -16.54
C MET A 245 25.72 30.75 -15.65
N LEU A 246 24.46 30.86 -15.25
CA LEU A 246 23.81 29.90 -14.38
C LEU A 246 22.61 29.32 -15.12
N PRO A 247 22.74 28.10 -15.71
CA PRO A 247 21.59 27.43 -16.34
C PRO A 247 20.68 26.74 -15.30
N PHE A 248 19.39 26.98 -15.41
CA PHE A 248 18.35 26.28 -14.62
C PHE A 248 17.26 25.80 -15.57
N PHE A 249 17.60 24.73 -16.28
CA PHE A 249 16.75 24.06 -17.28
C PHE A 249 15.94 22.94 -16.64
N GLY A 250 15.93 22.86 -15.33
CA GLY A 250 15.31 21.76 -14.65
C GLY A 250 16.20 20.54 -14.33
N LEU A 251 15.54 19.53 -13.74
CA LEU A 251 16.19 18.39 -13.18
C LEU A 251 15.93 17.20 -14.04
N THR A 252 16.80 16.22 -13.87
CA THR A 252 16.74 14.96 -14.61
C THR A 252 17.37 13.88 -13.75
N MET A 253 17.02 12.65 -13.96
CA MET A 253 17.46 11.58 -13.09
C MET A 253 18.50 10.82 -13.84
N LYS A 254 19.66 10.68 -13.20
CA LYS A 254 20.73 9.86 -13.67
C LYS A 254 21.05 8.85 -12.56
N LEU A 255 21.63 7.72 -12.94
CA LEU A 255 22.00 6.69 -11.95
C LEU A 255 22.82 7.24 -10.79
N GLY A 256 23.80 8.10 -11.14
CA GLY A 256 24.66 8.78 -10.17
C GLY A 256 25.47 7.82 -9.32
N PRO A 257 25.74 8.21 -8.07
CA PRO A 257 26.61 7.52 -7.12
C PRO A 257 26.33 6.05 -6.84
N VAL A 258 25.10 5.58 -7.07
CA VAL A 258 24.80 4.17 -6.95
C VAL A 258 25.77 3.28 -7.76
N ALA A 259 26.19 3.80 -8.92
CA ALA A 259 27.24 3.17 -9.78
C ALA A 259 28.65 2.99 -9.12
N ASN A 260 28.95 3.73 -8.06
CA ASN A 260 30.28 3.68 -7.49
C ASN A 260 30.43 2.97 -6.15
N TRP A 261 29.53 2.03 -5.83
CA TRP A 261 29.45 1.43 -4.50
C TRP A 261 29.68 -0.05 -4.60
N GLY A 262 30.32 -0.47 -5.69
CA GLY A 262 30.59 -1.87 -5.90
C GLY A 262 29.39 -2.79 -5.89
N LEU A 263 28.16 -2.33 -6.12
CA LEU A 263 27.02 -3.27 -6.17
C LEU A 263 27.02 -3.91 -7.57
N ASP A 264 26.71 -5.19 -7.61
CA ASP A 264 26.51 -5.91 -8.85
C ASP A 264 25.20 -5.52 -9.57
N LEU A 265 25.20 -4.44 -10.33
CA LEU A 265 24.03 -3.96 -11.06
C LEU A 265 23.63 -4.81 -12.30
N GLU A 266 22.33 -4.78 -12.63
CA GLU A 266 21.84 -5.40 -13.85
C GLU A 266 20.90 -4.45 -14.50
N ASN A 267 21.27 -3.95 -15.69
CA ASN A 267 20.55 -2.87 -16.35
C ASN A 267 20.28 -1.67 -15.44
N ASN A 268 21.29 -1.28 -14.64
CA ASN A 268 21.28 -0.09 -13.74
C ASN A 268 20.27 -0.22 -12.61
N LEU A 269 19.96 -1.47 -12.30
CA LEU A 269 19.06 -1.81 -11.23
C LEU A 269 19.78 -2.77 -10.26
N ILE A 270 19.45 -2.66 -8.96
CA ILE A 270 20.14 -3.49 -7.99
C ILE A 270 19.33 -4.78 -7.83
N PRO A 271 19.90 -5.94 -8.20
CA PRO A 271 19.24 -7.19 -7.91
C PRO A 271 19.10 -7.47 -6.42
N VAL A 272 18.05 -8.18 -6.09
CA VAL A 272 17.54 -8.21 -4.69
C VAL A 272 16.78 -9.51 -4.43
N ASP A 273 16.96 -10.01 -3.23
CA ASP A 273 16.25 -11.22 -2.71
C ASP A 273 14.80 -10.84 -2.55
N THR A 274 13.91 -11.73 -2.97
CA THR A 274 12.51 -11.44 -2.93
C THR A 274 11.79 -11.59 -1.58
N GLY A 275 12.51 -12.09 -0.60
CA GLY A 275 11.99 -12.33 0.74
C GLY A 275 12.35 -11.29 1.72
N THR A 276 13.46 -10.59 1.45
CA THR A 276 14.04 -9.58 2.34
C THR A 276 14.47 -8.25 1.66
N PHE A 277 14.45 -8.22 0.32
CA PHE A 277 14.89 -7.10 -0.45
C PHE A 277 16.29 -6.62 -0.10
N GLU A 278 17.08 -7.61 0.25
CA GLU A 278 18.46 -7.40 0.51
C GLU A 278 19.23 -7.65 -0.80
N THR A 279 20.36 -7.00 -0.87
CA THR A 279 21.28 -7.19 -1.95
C THR A 279 22.23 -8.34 -1.66
N ASN A 280 23.10 -8.59 -2.62
CA ASN A 280 24.45 -9.20 -2.51
C ASN A 280 25.32 -8.88 -1.29
N VAL A 281 25.21 -7.67 -0.77
CA VAL A 281 26.04 -7.23 0.33
C VAL A 281 25.17 -7.22 1.58
N PRO A 282 25.38 -8.17 2.48
CA PRO A 282 24.51 -8.18 3.68
C PRO A 282 24.54 -6.85 4.42
N GLY A 283 23.33 -6.37 4.77
CA GLY A 283 23.15 -5.07 5.41
C GLY A 283 22.77 -3.98 4.49
N ILE A 284 22.86 -4.25 3.18
CA ILE A 284 22.42 -3.32 2.16
C ILE A 284 21.21 -3.90 1.52
N PHE A 285 20.15 -3.08 1.53
CA PHE A 285 18.88 -3.40 0.94
C PHE A 285 18.58 -2.40 -0.14
N ALA A 286 17.63 -2.74 -1.00
CA ALA A 286 17.20 -1.85 -2.02
C ALA A 286 15.75 -2.07 -2.23
N ILE A 287 15.00 -0.98 -2.12
CA ILE A 287 13.59 -1.03 -2.28
C ILE A 287 13.20 0.10 -3.22
N GLY A 288 12.04 -0.05 -3.85
CA GLY A 288 11.53 0.94 -4.75
C GLY A 288 12.08 0.74 -6.18
N ASP A 289 11.92 1.77 -6.98
CA ASP A 289 12.23 1.66 -8.39
C ASP A 289 13.70 1.40 -8.68
N ILE A 290 14.57 1.46 -7.71
CA ILE A 290 16.03 1.19 -7.94
C ILE A 290 16.32 -0.24 -8.06
N ASN A 291 15.37 -1.11 -7.79
CA ASN A 291 15.71 -2.53 -7.64
C ASN A 291 15.26 -3.41 -8.81
N THR A 292 15.63 -4.69 -8.75
CA THR A 292 15.07 -5.65 -9.65
C THR A 292 15.02 -7.07 -9.08
N TYR A 293 14.09 -7.82 -9.64
CA TYR A 293 13.90 -9.17 -9.37
C TYR A 293 12.88 -9.69 -10.39
N PRO A 294 12.83 -11.00 -10.53
CA PRO A 294 11.79 -11.50 -11.53
C PRO A 294 10.34 -11.07 -11.13
N GLY A 295 9.71 -10.33 -12.04
CA GLY A 295 8.34 -9.77 -11.93
C GLY A 295 8.23 -8.30 -11.50
N LYS A 296 9.36 -7.69 -11.16
CA LYS A 296 9.38 -6.33 -10.65
C LYS A 296 8.59 -5.43 -11.54
N LEU A 297 7.83 -4.55 -10.92
CA LEU A 297 7.04 -3.51 -11.57
C LEU A 297 7.40 -2.24 -10.86
N LYS A 298 7.69 -1.20 -11.60
CA LYS A 298 8.01 0.10 -11.05
C LYS A 298 6.76 0.78 -10.56
N LEU A 299 6.21 0.23 -9.48
CA LEU A 299 4.97 0.79 -8.90
C LEU A 299 5.29 1.27 -7.49
N ILE A 300 4.60 2.31 -7.08
CA ILE A 300 4.73 2.79 -5.71
C ILE A 300 4.37 1.66 -4.75
N LEU A 301 3.27 1.03 -5.05
CA LEU A 301 2.68 0.00 -4.13
C LEU A 301 3.55 -1.17 -3.90
N SER A 302 4.44 -1.45 -4.90
CA SER A 302 5.45 -2.54 -4.69
C SER A 302 6.55 -2.15 -3.80
N GLY A 303 7.01 -0.92 -3.94
CA GLY A 303 8.03 -0.35 -3.02
C GLY A 303 7.62 -0.37 -1.51
N PHE A 304 6.36 -0.13 -1.26
CA PHE A 304 5.74 -0.36 0.05
C PHE A 304 5.91 -1.75 0.58
N HIS A 305 5.49 -2.77 -0.20
CA HIS A 305 5.69 -4.19 0.14
C HIS A 305 7.12 -4.47 0.49
N GLU A 306 7.97 -3.96 -0.37
CA GLU A 306 9.42 -4.17 -0.32
C GLU A 306 9.96 -3.61 0.98
N GLY A 307 9.50 -2.42 1.34
CA GLY A 307 9.91 -1.77 2.58
C GLY A 307 9.49 -2.56 3.82
N ALA A 308 8.27 -3.07 3.83
CA ALA A 308 7.80 -3.94 4.88
C ALA A 308 8.67 -5.18 5.03
N LEU A 309 8.99 -5.87 3.93
CA LEU A 309 9.80 -7.12 4.06
C LEU A 309 11.25 -6.82 4.43
N MET A 310 11.79 -5.78 3.84
CA MET A 310 13.12 -5.27 4.24
C MET A 310 13.19 -4.98 5.74
N ALA A 311 12.18 -4.33 6.30
CA ALA A 311 12.24 -4.00 7.72
C ALA A 311 12.45 -5.24 8.56
N GLN A 312 11.69 -6.30 8.25
CA GLN A 312 11.79 -7.59 8.99
C GLN A 312 13.22 -8.14 9.07
N LYS A 313 13.97 -7.98 7.99
CA LYS A 313 15.37 -8.42 7.95
C LYS A 313 16.27 -7.45 8.60
N ALA A 314 16.06 -6.17 8.34
CA ALA A 314 16.89 -5.19 8.96
C ALA A 314 16.85 -5.19 10.47
N VAL A 315 15.74 -5.48 11.12
CA VAL A 315 15.72 -5.50 12.57
C VAL A 315 16.71 -6.51 13.12
N LYS A 316 16.87 -7.68 12.49
CA LYS A 316 17.79 -8.72 13.01
C LYS A 316 19.24 -8.25 13.03
N TYR A 317 19.60 -7.34 12.14
CA TYR A 317 20.91 -6.75 12.25
C TYR A 317 21.04 -5.69 13.36
N VAL A 318 20.01 -4.87 13.51
CA VAL A 318 20.01 -3.76 14.49
C VAL A 318 19.83 -4.26 15.91
N TYR A 319 18.91 -5.21 16.06
CA TYR A 319 18.71 -5.87 17.32
C TYR A 319 18.85 -7.37 17.20
N PRO A 320 20.08 -7.91 17.27
CA PRO A 320 20.27 -9.33 17.00
C PRO A 320 19.73 -10.29 18.05
N ASP A 321 19.49 -9.85 19.27
CA ASP A 321 18.83 -10.70 20.30
C ASP A 321 17.32 -10.52 20.44
N LYS A 322 16.75 -9.65 19.61
CA LYS A 322 15.31 -9.38 19.57
C LYS A 322 14.74 -10.52 18.79
N ARG A 323 13.87 -11.23 19.43
CA ARG A 323 13.01 -12.12 18.73
C ARG A 323 11.83 -11.28 18.28
N VAL A 324 11.59 -11.30 16.99
CA VAL A 324 10.52 -10.55 16.38
C VAL A 324 9.19 -11.32 16.52
N VAL A 325 8.15 -10.64 17.03
CA VAL A 325 6.82 -11.17 16.98
C VAL A 325 6.01 -10.31 16.00
N PHE A 326 5.40 -10.98 15.05
CA PHE A 326 4.37 -10.46 14.24
C PHE A 326 3.06 -10.08 14.99
N GLN A 327 2.83 -8.77 15.10
CA GLN A 327 1.59 -8.18 15.58
C GLN A 327 0.96 -7.23 14.52
N TYR A 328 -0.37 -7.09 14.58
CA TYR A 328 -1.16 -6.13 13.82
C TYR A 328 -1.37 -4.75 14.46
N THR A 329 -1.29 -3.71 13.62
CA THR A 329 -1.46 -2.35 14.09
C THR A 329 -2.82 -2.18 14.72
N THR A 330 -3.82 -2.85 14.17
CA THR A 330 -5.18 -2.69 14.61
C THR A 330 -5.48 -3.15 16.03
N SER A 331 -4.80 -4.20 16.44
CA SER A 331 -5.16 -4.93 17.62
C SER A 331 -4.05 -4.95 18.73
N SER A 332 -2.85 -4.53 18.39
CA SER A 332 -1.68 -4.51 19.29
C SER A 332 -1.39 -3.14 19.92
N THR A 333 -1.46 -3.08 21.25
CA THR A 333 -1.28 -1.84 21.99
C THR A 333 0.19 -1.44 22.05
N ASN A 334 1.06 -2.44 22.07
CA ASN A 334 2.50 -2.22 21.89
C ASN A 334 2.85 -1.35 20.59
N LEU A 335 2.29 -1.77 19.48
CA LEU A 335 2.44 -1.06 18.20
C LEU A 335 1.77 0.31 18.25
N GLN A 336 0.56 0.35 18.83
CA GLN A 336 -0.19 1.59 19.02
C GLN A 336 0.56 2.55 19.95
N LYS A 337 1.36 2.03 20.90
CA LYS A 337 2.21 2.88 21.75
C LYS A 337 3.29 3.49 20.89
N LYS A 338 3.92 2.68 20.05
CA LYS A 338 4.93 3.23 19.10
C LYS A 338 4.35 4.29 18.16
N LEU A 339 3.09 4.14 17.73
CA LEU A 339 2.40 5.15 16.86
C LEU A 339 1.91 6.43 17.53
N GLY A 340 1.91 6.43 18.87
CA GLY A 340 1.43 7.56 19.64
C GLY A 340 -0.07 7.55 19.57
N VAL A 341 -0.68 6.36 19.49
CA VAL A 341 -2.12 6.20 19.77
C VAL A 341 -2.46 5.72 21.25
N ASN A 342 -3.27 6.54 21.91
CA ASN A 342 -3.32 6.62 23.35
C ASN A 342 -4.71 6.30 23.85
N GLU B 3 -27.44 -21.66 -17.80
CA GLU B 3 -26.10 -21.89 -18.39
C GLU B 3 -24.98 -21.50 -17.38
N THR B 4 -23.80 -21.98 -17.70
CA THR B 4 -22.60 -21.62 -16.97
C THR B 4 -22.26 -20.11 -17.20
N ILE B 5 -21.78 -19.46 -16.14
CA ILE B 5 -21.40 -18.06 -16.20
C ILE B 5 -19.94 -18.00 -16.61
N LYS B 6 -19.68 -17.36 -17.75
CA LYS B 6 -18.32 -17.24 -18.35
C LYS B 6 -17.70 -15.94 -17.90
N THR B 7 -16.46 -16.01 -17.49
CA THR B 7 -15.76 -14.79 -17.10
C THR B 7 -14.27 -14.96 -17.36
N ASP B 8 -13.53 -13.87 -17.49
CA ASP B 8 -12.09 -13.99 -17.65
C ASP B 8 -11.48 -14.53 -16.37
N VAL B 9 -11.86 -13.94 -15.22
CA VAL B 9 -11.30 -14.30 -13.94
C VAL B 9 -12.41 -14.56 -12.92
N LEU B 10 -12.24 -15.62 -12.13
CA LEU B 10 -13.05 -15.88 -10.95
C LEU B 10 -12.15 -15.70 -9.78
N ILE B 11 -12.58 -14.89 -8.82
CA ILE B 11 -11.85 -14.66 -7.59
C ILE B 11 -12.61 -15.28 -6.44
N VAL B 12 -11.93 -16.13 -5.68
CA VAL B 12 -12.46 -16.68 -4.44
C VAL B 12 -12.12 -15.73 -3.29
N GLY B 13 -13.13 -15.02 -2.79
CA GLY B 13 -13.03 -14.08 -1.66
C GLY B 13 -13.21 -12.65 -2.13
N ALA B 14 -13.81 -11.83 -1.29
CA ALA B 14 -13.92 -10.43 -1.50
C ALA B 14 -13.43 -9.71 -0.26
N GLY B 15 -12.42 -10.28 0.35
CA GLY B 15 -11.54 -9.52 1.22
C GLY B 15 -10.72 -8.44 0.49
N PRO B 16 -9.90 -7.68 1.26
CA PRO B 16 -9.25 -6.52 0.69
C PRO B 16 -8.38 -6.87 -0.49
N CYS B 17 -7.75 -8.03 -0.42
CA CYS B 17 -6.82 -8.42 -1.45
C CYS B 17 -7.52 -8.94 -2.74
N GLY B 18 -8.60 -9.68 -2.60
CA GLY B 18 -9.53 -9.98 -3.68
C GLY B 18 -10.18 -8.77 -4.35
N LEU B 19 -10.64 -7.81 -3.55
CA LEU B 19 -11.19 -6.60 -4.12
C LEU B 19 -10.15 -5.85 -4.91
N PHE B 20 -8.98 -5.62 -4.34
CA PHE B 20 -8.00 -4.80 -5.06
C PHE B 20 -7.59 -5.49 -6.37
N ALA B 21 -7.65 -6.80 -6.43
CA ALA B 21 -7.27 -7.49 -7.63
C ALA B 21 -8.15 -7.10 -8.81
N VAL B 22 -9.43 -6.81 -8.54
CA VAL B 22 -10.34 -6.27 -9.54
C VAL B 22 -9.71 -5.05 -10.19
N PHE B 23 -9.08 -4.18 -9.39
CA PHE B 23 -8.45 -2.94 -9.91
C PHE B 23 -7.32 -3.21 -10.90
N GLU B 24 -6.40 -4.06 -10.46
CA GLU B 24 -5.28 -4.37 -11.27
C GLU B 24 -5.66 -5.15 -12.49
N LEU B 25 -6.63 -6.06 -12.39
CA LEU B 25 -7.08 -6.81 -13.54
C LEU B 25 -7.85 -5.88 -14.50
N GLY B 26 -8.65 -4.96 -13.94
CA GLY B 26 -9.39 -3.98 -14.71
C GLY B 26 -8.53 -3.03 -15.49
N LEU B 27 -7.38 -2.62 -14.96
CA LEU B 27 -6.48 -1.77 -15.75
C LEU B 27 -5.99 -2.44 -17.03
N LEU B 28 -6.08 -3.77 -17.08
CA LEU B 28 -5.63 -4.52 -18.21
C LEU B 28 -6.81 -5.16 -18.95
N ASP B 29 -8.01 -4.59 -18.79
CA ASP B 29 -9.26 -5.04 -19.44
C ASP B 29 -9.66 -6.49 -19.12
N VAL B 30 -9.33 -6.95 -17.92
CA VAL B 30 -9.65 -8.28 -17.50
C VAL B 30 -10.81 -8.15 -16.50
N LYS B 31 -11.93 -8.80 -16.80
CA LYS B 31 -13.12 -8.65 -16.00
C LYS B 31 -13.12 -9.77 -14.96
N ALA B 32 -13.86 -9.55 -13.88
CA ALA B 32 -13.90 -10.52 -12.79
C ALA B 32 -15.27 -10.71 -12.14
N HIS B 33 -15.55 -11.95 -11.76
CA HIS B 33 -16.63 -12.24 -10.82
C HIS B 33 -15.97 -12.56 -9.49
N LEU B 34 -16.59 -12.18 -8.38
CA LEU B 34 -16.09 -12.63 -7.08
C LEU B 34 -17.17 -13.41 -6.37
N VAL B 35 -16.77 -14.39 -5.58
CA VAL B 35 -17.67 -15.18 -4.80
C VAL B 35 -17.20 -15.21 -3.35
N ASP B 36 -18.09 -14.92 -2.40
CA ASP B 36 -17.72 -15.06 -0.99
C ASP B 36 -18.93 -15.69 -0.24
N ILE B 37 -18.67 -16.65 0.63
CA ILE B 37 -19.66 -17.20 1.53
C ILE B 37 -20.21 -16.17 2.54
N LEU B 38 -19.45 -15.11 2.86
CA LEU B 38 -19.99 -14.01 3.71
C LEU B 38 -21.05 -13.24 2.99
N ASP B 39 -21.89 -12.56 3.75
CA ASP B 39 -22.99 -11.80 3.15
C ASP B 39 -22.59 -10.37 2.88
N LYS B 40 -21.31 -10.07 2.95
CA LYS B 40 -20.85 -8.74 2.67
C LYS B 40 -19.42 -8.84 2.08
N VAL B 41 -19.06 -7.83 1.32
CA VAL B 41 -17.71 -7.65 0.88
C VAL B 41 -16.87 -7.13 2.02
N GLY B 42 -15.57 -7.37 1.87
CA GLY B 42 -14.55 -6.85 2.79
C GLY B 42 -13.86 -7.87 3.65
N GLY B 43 -14.28 -9.14 3.58
CA GLY B 43 -13.65 -10.22 4.33
C GLY B 43 -13.44 -9.88 5.78
N GLN B 44 -12.24 -10.20 6.28
CA GLN B 44 -11.90 -9.99 7.69
C GLN B 44 -12.06 -8.53 8.15
N CYS B 45 -11.63 -7.57 7.31
CA CYS B 45 -11.73 -6.19 7.69
C CYS B 45 -13.21 -5.90 8.04
N ALA B 46 -14.13 -6.38 7.17
CA ALA B 46 -15.56 -6.07 7.29
C ALA B 46 -16.27 -6.96 8.34
N GLU B 47 -15.87 -8.21 8.49
CA GLU B 47 -16.51 -9.10 9.42
C GLU B 47 -15.99 -9.01 10.87
N LEU B 48 -14.65 -8.90 11.02
CA LEU B 48 -13.94 -8.99 12.31
C LEU B 48 -13.47 -7.69 12.91
N TYR B 49 -13.15 -6.68 12.11
CA TYR B 49 -12.80 -5.41 12.69
C TYR B 49 -13.27 -4.12 12.00
N PRO B 50 -14.56 -4.04 11.70
CA PRO B 50 -15.06 -2.98 10.83
C PRO B 50 -14.88 -1.63 11.44
N GLU B 51 -15.06 -1.58 12.76
CA GLU B 51 -15.03 -0.32 13.51
C GLU B 51 -13.67 0.11 13.96
N LYS B 52 -12.71 -0.80 13.88
CA LYS B 52 -11.34 -0.60 14.41
C LYS B 52 -10.38 0.09 13.41
N PRO B 53 -9.53 0.97 13.90
CA PRO B 53 -8.55 1.69 13.10
C PRO B 53 -7.45 0.82 12.65
N ILE B 54 -7.11 0.89 11.36
CA ILE B 54 -5.91 0.27 10.77
C ILE B 54 -4.89 1.37 10.49
N TYR B 55 -3.61 1.13 10.80
CA TYR B 55 -2.59 2.18 10.69
C TYR B 55 -1.53 1.93 9.63
N ASP B 56 -1.54 0.76 9.01
CA ASP B 56 -0.48 0.38 8.09
C ASP B 56 -0.98 0.07 6.67
N ILE B 57 -2.01 0.82 6.22
CA ILE B 57 -2.29 0.94 4.83
C ILE B 57 -1.43 2.06 4.32
N PRO B 58 -0.47 1.74 3.47
CA PRO B 58 0.38 2.81 3.03
C PRO B 58 -0.36 4.00 2.49
N GLY B 59 -0.04 5.17 3.01
CA GLY B 59 -0.60 6.41 2.52
C GLY B 59 -1.86 6.86 3.18
N ILE B 60 -2.41 6.05 4.09
CA ILE B 60 -3.57 6.44 4.89
C ILE B 60 -3.20 6.40 6.39
N PRO B 61 -2.96 7.56 7.02
CA PRO B 61 -2.62 7.59 8.44
C PRO B 61 -3.50 6.79 9.37
N MET B 62 -4.78 6.76 9.10
CA MET B 62 -5.72 5.89 9.83
C MET B 62 -7.01 5.67 9.00
N VAL B 63 -7.38 4.42 8.79
CA VAL B 63 -8.64 4.03 8.19
C VAL B 63 -9.21 2.78 8.90
N THR B 64 -10.50 2.71 8.92
CA THR B 64 -11.13 1.68 9.64
C THR B 64 -11.32 0.49 8.72
N GLY B 65 -11.60 -0.67 9.32
CA GLY B 65 -11.90 -1.87 8.55
C GLY B 65 -12.97 -1.64 7.51
N HIS B 66 -13.98 -0.96 7.94
CA HIS B 66 -15.09 -0.63 7.11
C HIS B 66 -14.76 0.45 6.10
N GLY B 67 -13.95 1.41 6.54
CA GLY B 67 -13.55 2.54 5.69
C GLY B 67 -12.71 2.06 4.54
N LEU B 68 -11.86 1.10 4.84
CA LEU B 68 -11.01 0.52 3.82
C LEU B 68 -11.81 -0.23 2.80
N THR B 69 -12.75 -1.06 3.27
CA THR B 69 -13.68 -1.78 2.45
C THR B 69 -14.43 -0.80 1.53
N GLU B 70 -14.94 0.28 2.09
CA GLU B 70 -15.73 1.23 1.36
C GLU B 70 -14.84 1.91 0.34
N ALA B 71 -13.59 2.22 0.70
CA ALA B 71 -12.66 2.87 -0.23
C ALA B 71 -12.28 1.96 -1.40
N LEU B 72 -11.98 0.71 -1.12
CA LEU B 72 -11.63 -0.21 -2.18
C LEU B 72 -12.81 -0.38 -3.10
N MET B 73 -14.05 -0.40 -2.58
CA MET B 73 -15.21 -0.53 -3.44
C MET B 73 -15.28 0.69 -4.33
N GLU B 74 -15.07 1.89 -3.82
CA GLU B 74 -14.96 3.04 -4.73
C GLU B 74 -13.93 2.77 -5.85
N GLN B 75 -12.74 2.33 -5.50
CA GLN B 75 -11.63 2.26 -6.42
C GLN B 75 -11.92 1.30 -7.50
N ILE B 76 -12.66 0.25 -7.20
CA ILE B 76 -12.91 -0.79 -8.19
C ILE B 76 -14.19 -0.65 -8.95
N LYS B 77 -15.07 0.22 -8.49
CA LYS B 77 -16.37 0.56 -9.13
C LYS B 77 -16.28 0.81 -10.64
N PRO B 78 -15.19 1.39 -11.15
CA PRO B 78 -15.15 1.63 -12.63
C PRO B 78 -15.06 0.38 -13.53
N PHE B 79 -14.50 -0.68 -13.00
CA PHE B 79 -14.47 -1.99 -13.68
C PHE B 79 -15.76 -2.44 -13.11
N ASN B 80 -16.47 -3.40 -13.68
N ASN B 80 -16.50 -3.33 -13.72
CA ASN B 80 -17.84 -3.65 -13.17
CA ASN B 80 -17.83 -3.57 -13.13
C ASN B 80 -17.84 -5.03 -12.62
C ASN B 80 -17.79 -4.99 -12.67
N PRO B 81 -17.21 -5.23 -11.46
CA PRO B 81 -17.13 -6.57 -10.91
C PRO B 81 -18.53 -7.08 -10.56
N THR B 82 -18.70 -8.40 -10.69
CA THR B 82 -19.92 -9.05 -10.31
C THR B 82 -19.66 -9.87 -9.09
N PHE B 83 -20.42 -9.57 -8.03
CA PHE B 83 -20.30 -10.28 -6.72
C PHE B 83 -21.40 -11.32 -6.55
N HIS B 84 -21.04 -12.48 -5.99
CA HIS B 84 -22.00 -13.49 -5.55
C HIS B 84 -21.79 -13.78 -4.12
N LEU B 85 -22.51 -13.08 -3.27
CA LEU B 85 -22.33 -13.22 -1.80
C LEU B 85 -23.14 -14.41 -1.24
N SER B 86 -22.88 -14.74 0.03
CA SER B 86 -23.53 -15.81 0.75
C SER B 86 -23.45 -17.08 -0.08
N GLU B 87 -22.34 -17.26 -0.79
CA GLU B 87 -22.16 -18.40 -1.65
C GLU B 87 -20.75 -18.90 -1.52
N MET B 88 -20.61 -20.22 -1.60
CA MET B 88 -19.35 -20.90 -1.31
C MET B 88 -18.87 -21.58 -2.60
N VAL B 89 -17.58 -21.39 -2.89
CA VAL B 89 -16.92 -22.07 -3.97
C VAL B 89 -16.50 -23.44 -3.44
N GLU B 90 -16.95 -24.50 -4.11
CA GLU B 90 -16.72 -25.86 -3.63
C GLU B 90 -15.73 -26.67 -4.49
N ASN B 91 -15.89 -26.68 -5.79
CA ASN B 91 -14.99 -27.54 -6.65
C ASN B 91 -14.44 -26.74 -7.76
N VAL B 92 -13.21 -27.10 -8.12
CA VAL B 92 -12.57 -26.53 -9.29
C VAL B 92 -12.08 -27.69 -10.11
N GLU B 93 -12.23 -27.58 -11.42
CA GLU B 93 -11.83 -28.59 -12.38
C GLU B 93 -11.15 -27.90 -13.55
N LYS B 94 -9.93 -28.33 -13.88
CA LYS B 94 -9.20 -27.79 -15.03
C LYS B 94 -9.86 -28.32 -16.31
N ILE B 95 -10.22 -27.42 -17.22
CA ILE B 95 -10.84 -27.76 -18.49
C ILE B 95 -10.28 -27.05 -19.72
N GLY B 96 -9.40 -26.06 -19.56
CA GLY B 96 -8.65 -25.44 -20.65
C GLY B 96 -7.16 -25.43 -20.29
N ASP B 97 -6.41 -24.65 -21.06
CA ASP B 97 -4.93 -24.51 -20.90
C ASP B 97 -4.48 -23.06 -20.89
N PRO B 98 -4.88 -22.28 -19.89
CA PRO B 98 -5.65 -22.75 -18.73
C PRO B 98 -7.12 -22.49 -18.92
N GLY B 99 -7.92 -23.02 -18.02
CA GLY B 99 -9.37 -22.76 -17.98
C GLY B 99 -9.95 -23.61 -16.87
N PHE B 100 -10.98 -23.14 -16.19
CA PHE B 100 -11.48 -23.83 -15.00
C PHE B 100 -12.97 -23.75 -14.92
N ARG B 101 -13.56 -24.86 -14.45
CA ARG B 101 -14.97 -24.97 -14.18
C ARG B 101 -15.04 -25.07 -12.69
N VAL B 102 -15.87 -24.20 -12.13
CA VAL B 102 -15.86 -23.85 -10.71
C VAL B 102 -17.31 -23.83 -10.34
N THR B 103 -17.69 -24.59 -9.34
CA THR B 103 -19.09 -24.79 -9.00
C THR B 103 -19.28 -24.37 -7.55
N THR B 104 -20.35 -23.61 -7.28
CA THR B 104 -20.67 -23.15 -5.93
C THR B 104 -21.61 -24.11 -5.21
N ASN B 105 -21.72 -23.93 -3.90
CA ASN B 105 -22.55 -24.80 -3.04
C ASN B 105 -24.05 -24.80 -3.40
N ALA B 106 -24.49 -23.76 -4.10
CA ALA B 106 -25.84 -23.66 -4.58
C ALA B 106 -25.93 -24.15 -6.01
N GLY B 107 -25.02 -25.03 -6.44
CA GLY B 107 -24.94 -25.44 -7.86
C GLY B 107 -24.70 -24.42 -8.97
N LYS B 108 -24.31 -23.19 -8.65
CA LYS B 108 -23.93 -22.23 -9.70
C LYS B 108 -22.62 -22.65 -10.31
N VAL B 109 -22.43 -22.43 -11.61
CA VAL B 109 -21.23 -22.87 -12.31
C VAL B 109 -20.55 -21.74 -13.06
N PHE B 110 -19.23 -21.63 -12.92
CA PHE B 110 -18.48 -20.63 -13.65
C PHE B 110 -17.48 -21.35 -14.54
N GLU B 111 -17.19 -20.73 -15.68
CA GLU B 111 -16.07 -21.13 -16.50
C GLU B 111 -15.27 -19.86 -16.62
N CYS B 112 -14.00 -19.99 -16.26
CA CYS B 112 -13.09 -18.85 -16.32
C CYS B 112 -11.77 -19.33 -16.94
N THR B 113 -10.99 -18.38 -17.46
CA THR B 113 -9.67 -18.66 -18.00
C THR B 113 -8.70 -18.81 -16.83
N VAL B 114 -8.86 -17.91 -15.86
CA VAL B 114 -7.94 -17.79 -14.72
C VAL B 114 -8.71 -17.81 -13.43
N LEU B 115 -8.20 -18.57 -12.49
CA LEU B 115 -8.73 -18.61 -11.12
C LEU B 115 -7.77 -17.89 -10.16
N VAL B 116 -8.31 -17.01 -9.31
CA VAL B 116 -7.51 -16.30 -8.31
C VAL B 116 -8.08 -16.67 -6.95
N VAL B 117 -7.28 -17.41 -6.18
CA VAL B 117 -7.65 -17.79 -4.84
C VAL B 117 -7.27 -16.65 -3.89
N ALA B 118 -8.26 -15.90 -3.41
CA ALA B 118 -8.05 -14.89 -2.39
C ALA B 118 -8.80 -15.23 -1.09
N ALA B 119 -8.67 -16.49 -0.70
CA ALA B 119 -9.50 -17.09 0.35
C ALA B 119 -9.10 -16.69 1.74
N GLY B 120 -7.96 -16.03 1.87
CA GLY B 120 -7.56 -15.44 3.10
C GLY B 120 -7.26 -16.42 4.20
N GLY B 121 -7.94 -16.19 5.34
CA GLY B 121 -7.86 -17.09 6.50
C GLY B 121 -8.65 -18.36 6.29
N GLY B 122 -9.42 -18.41 5.21
CA GLY B 122 -10.32 -19.50 4.93
C GLY B 122 -11.79 -19.05 4.83
N SER B 123 -12.64 -19.99 4.48
CA SER B 123 -14.10 -19.87 4.56
C SER B 123 -14.62 -19.42 5.94
N PHE B 124 -15.36 -18.33 5.99
CA PHE B 124 -16.03 -17.93 7.16
C PHE B 124 -17.24 -18.87 7.35
N LEU B 125 -17.33 -19.48 8.52
CA LEU B 125 -18.40 -20.41 8.84
C LEU B 125 -18.81 -20.18 10.29
N PRO B 126 -20.05 -20.56 10.66
CA PRO B 126 -20.53 -20.45 12.04
C PRO B 126 -19.57 -21.06 13.01
N LYS B 127 -19.16 -20.32 14.04
CA LYS B 127 -18.22 -20.83 15.06
C LYS B 127 -18.94 -21.83 15.95
N ARG B 128 -18.26 -22.94 16.18
CA ARG B 128 -18.64 -23.95 17.12
C ARG B 128 -18.45 -23.40 18.55
N PRO B 129 -19.48 -23.45 19.39
CA PRO B 129 -19.30 -23.00 20.77
C PRO B 129 -18.40 -23.99 21.48
N PRO B 130 -17.64 -23.57 22.53
CA PRO B 130 -16.63 -24.44 23.20
C PRO B 130 -17.17 -25.39 24.32
N VAL B 131 -18.19 -26.15 23.99
CA VAL B 131 -18.93 -26.91 24.94
C VAL B 131 -18.67 -28.38 24.56
N PRO B 132 -18.02 -29.15 25.45
CA PRO B 132 -17.60 -30.53 25.06
C PRO B 132 -18.69 -31.35 24.34
N GLY B 133 -18.26 -32.23 23.43
CA GLY B 133 -19.16 -33.24 22.83
C GLY B 133 -20.12 -32.64 21.84
N VAL B 134 -19.76 -31.47 21.29
CA VAL B 134 -20.71 -30.67 20.48
C VAL B 134 -21.12 -31.27 19.16
N GLU B 135 -20.10 -31.89 18.51
CA GLU B 135 -20.23 -32.52 17.16
C GLU B 135 -21.58 -33.25 17.07
N ALA B 136 -21.84 -34.12 18.05
CA ALA B 136 -22.93 -35.10 17.98
C ALA B 136 -24.33 -34.57 17.60
N TYR B 137 -24.72 -33.40 18.14
CA TYR B 137 -26.12 -32.91 17.98
C TYR B 137 -26.28 -32.08 16.73
N GLU B 138 -25.17 -31.90 16.00
CA GLU B 138 -25.06 -31.02 14.84
C GLU B 138 -25.75 -31.77 13.67
N GLY B 139 -26.73 -31.06 13.11
CA GLY B 139 -27.60 -31.56 12.07
C GLY B 139 -29.00 -31.87 12.60
N THR B 140 -29.05 -32.54 13.75
CA THR B 140 -30.31 -33.09 14.26
C THR B 140 -30.97 -32.03 15.11
N SER B 141 -30.25 -31.53 16.08
CA SER B 141 -30.82 -30.59 17.08
C SER B 141 -29.94 -29.37 17.48
N VAL B 142 -28.67 -29.31 17.04
CA VAL B 142 -27.86 -28.09 17.08
C VAL B 142 -27.82 -27.53 15.65
N HIS B 143 -28.30 -26.29 15.49
CA HIS B 143 -28.45 -25.69 14.19
C HIS B 143 -27.74 -24.35 14.22
N TYR B 144 -27.03 -24.07 13.13
CA TYR B 144 -26.29 -22.83 13.00
C TYR B 144 -27.01 -21.88 12.07
N ALA B 145 -28.12 -22.38 11.49
CA ALA B 145 -29.11 -21.55 10.74
C ALA B 145 -30.60 -22.04 10.85
N VAL B 146 -31.49 -21.06 10.60
CA VAL B 146 -32.95 -21.17 10.54
C VAL B 146 -33.23 -20.83 9.08
N ARG B 147 -33.66 -21.82 8.31
CA ARG B 147 -34.14 -21.63 6.94
C ARG B 147 -35.66 -21.74 6.93
N LYS B 148 -36.18 -22.86 7.44
CA LYS B 148 -37.63 -23.01 7.68
C LYS B 148 -37.97 -22.79 9.20
N MET B 149 -38.44 -21.60 9.58
CA MET B 149 -38.81 -21.32 10.99
C MET B 149 -40.04 -22.08 11.50
N GLU B 150 -40.86 -22.61 10.60
CA GLU B 150 -41.98 -23.49 10.95
C GLU B 150 -41.51 -24.80 11.64
N ASP B 151 -40.29 -25.26 11.33
CA ASP B 151 -39.64 -26.41 11.99
C ASP B 151 -39.64 -26.36 13.54
N PHE B 152 -39.59 -25.13 14.10
CA PHE B 152 -39.49 -24.88 15.57
C PHE B 152 -40.81 -24.58 16.37
N ARG B 153 -41.98 -24.71 15.73
CA ARG B 153 -43.24 -24.48 16.47
C ARG B 153 -43.32 -25.38 17.68
N GLY B 154 -43.78 -24.79 18.78
CA GLY B 154 -44.10 -25.52 19.97
C GLY B 154 -43.03 -26.47 20.44
N LYS B 155 -41.78 -26.05 20.35
CA LYS B 155 -40.77 -26.81 21.06
C LYS B 155 -40.00 -25.83 21.95
N ASP B 156 -39.13 -26.42 22.79
CA ASP B 156 -38.32 -25.71 23.78
C ASP B 156 -36.96 -25.39 23.14
N ILE B 157 -36.67 -24.11 23.07
CA ILE B 157 -35.58 -23.60 22.28
C ILE B 157 -34.58 -22.98 23.26
N LEU B 158 -33.32 -23.40 23.08
CA LEU B 158 -32.16 -22.79 23.70
C LEU B 158 -31.43 -22.00 22.64
N ILE B 159 -31.38 -20.69 22.80
CA ILE B 159 -30.55 -19.92 21.93
C ILE B 159 -29.42 -19.39 22.78
N VAL B 160 -28.19 -19.51 22.25
CA VAL B 160 -26.99 -19.00 22.90
C VAL B 160 -26.29 -17.93 22.08
N GLY B 161 -26.13 -16.76 22.71
CA GLY B 161 -25.49 -15.63 22.06
C GLY B 161 -26.12 -14.29 22.44
N GLY B 162 -25.51 -13.23 21.94
CA GLY B 162 -25.94 -11.88 22.29
C GLY B 162 -25.66 -10.74 21.32
N GLY B 163 -25.43 -11.07 20.05
CA GLY B 163 -25.37 -10.10 18.95
C GLY B 163 -26.72 -10.06 18.20
N ASP B 164 -26.74 -9.32 17.07
CA ASP B 164 -27.94 -9.13 16.22
C ASP B 164 -28.64 -10.43 15.81
N SER B 165 -27.87 -11.43 15.36
CA SER B 165 -28.47 -12.68 14.86
C SER B 165 -29.23 -13.40 16.02
N ALA B 166 -28.57 -13.57 17.17
CA ALA B 166 -29.20 -14.19 18.37
C ALA B 166 -30.50 -13.51 18.75
N LEU B 167 -30.40 -12.20 18.89
CA LEU B 167 -31.53 -11.37 19.26
C LEU B 167 -32.62 -11.48 18.18
N ASP B 168 -32.26 -11.39 16.88
CA ASP B 168 -33.28 -11.52 15.80
C ASP B 168 -34.00 -12.87 15.92
N TRP B 169 -33.27 -13.97 16.16
CA TRP B 169 -33.90 -15.30 16.21
C TRP B 169 -34.70 -15.56 17.44
N THR B 170 -34.30 -15.01 18.59
CA THR B 170 -35.10 -15.10 19.83
C THR B 170 -36.47 -14.48 19.61
N LEU B 171 -36.47 -13.21 19.17
CA LEU B 171 -37.68 -12.42 18.91
C LEU B 171 -38.57 -13.04 17.84
N ASN B 172 -37.97 -13.54 16.74
CA ASN B 172 -38.75 -14.14 15.66
C ASN B 172 -39.27 -15.51 16.05
N LEU B 173 -38.54 -16.27 16.87
CA LEU B 173 -38.95 -17.64 17.24
C LEU B 173 -39.85 -17.72 18.42
N ASN B 174 -40.06 -16.60 19.10
CA ASN B 174 -41.18 -16.40 20.04
C ASN B 174 -42.28 -15.53 19.24
N PRO B 175 -43.58 -15.85 19.15
CA PRO B 175 -44.34 -16.81 19.93
C PRO B 175 -44.47 -18.23 19.34
N ILE B 176 -43.70 -18.54 18.31
CA ILE B 176 -43.74 -19.89 17.75
C ILE B 176 -43.41 -20.97 18.83
N ALA B 177 -42.55 -20.62 19.78
CA ALA B 177 -41.91 -21.61 20.63
C ALA B 177 -42.84 -22.05 21.73
N LYS B 178 -42.68 -23.29 22.17
CA LYS B 178 -43.35 -23.78 23.40
C LYS B 178 -42.74 -23.05 24.62
N SER B 179 -41.42 -23.10 24.74
CA SER B 179 -40.63 -22.24 25.69
C SER B 179 -39.31 -21.82 25.00
N MET B 180 -38.62 -20.83 25.59
CA MET B 180 -37.23 -20.57 25.22
C MET B 180 -36.44 -19.91 26.33
N THR B 181 -35.15 -20.25 26.28
CA THR B 181 -34.15 -19.82 27.25
C THR B 181 -32.95 -19.18 26.46
N LEU B 182 -32.73 -17.88 26.61
CA LEU B 182 -31.64 -17.21 25.98
C LEU B 182 -30.51 -17.27 26.98
N VAL B 183 -29.32 -17.67 26.54
CA VAL B 183 -28.11 -17.64 27.35
C VAL B 183 -27.02 -16.85 26.63
N HIS B 184 -26.46 -15.93 27.37
CA HIS B 184 -25.30 -15.23 26.94
C HIS B 184 -24.41 -15.13 28.18
N ARG B 185 -23.11 -15.14 27.93
CA ARG B 185 -21.98 -14.92 28.86
C ARG B 185 -22.16 -13.72 29.83
N ARG B 186 -22.69 -12.64 29.28
CA ARG B 186 -22.96 -11.46 30.06
C ARG B 186 -24.28 -10.83 29.66
N ASP B 187 -24.79 -10.02 30.58
CA ASP B 187 -26.07 -9.33 30.45
C ASP B 187 -25.91 -7.93 29.81
N ASP B 188 -25.31 -7.92 28.64
CA ASP B 188 -24.92 -6.70 27.97
C ASP B 188 -25.08 -6.99 26.51
N PHE B 189 -25.91 -6.21 25.83
CA PHE B 189 -26.28 -6.47 24.43
C PHE B 189 -26.00 -5.27 23.50
N ARG B 190 -25.16 -5.58 22.50
CA ARG B 190 -25.08 -4.86 21.23
C ARG B 190 -26.26 -5.30 20.27
N GLY B 191 -26.60 -4.45 19.31
CA GLY B 191 -27.86 -4.56 18.53
C GLY B 191 -28.87 -3.45 18.87
N ALA B 192 -28.52 -2.69 19.92
CA ALA B 192 -29.36 -1.62 20.55
C ALA B 192 -29.72 -0.45 19.62
N PRO B 193 -30.85 0.25 19.84
CA PRO B 193 -31.77 0.02 21.00
C PRO B 193 -32.94 -0.98 20.79
N HIS B 194 -33.39 -1.18 19.56
CA HIS B 194 -34.70 -1.75 19.34
C HIS B 194 -34.84 -3.24 19.65
N SER B 195 -33.87 -4.05 19.18
CA SER B 195 -33.89 -5.50 19.40
C SER B 195 -33.76 -5.81 20.88
N VAL B 196 -32.72 -5.19 21.46
CA VAL B 196 -32.35 -5.41 22.87
C VAL B 196 -33.54 -5.15 23.80
N GLU B 197 -34.35 -4.14 23.49
CA GLU B 197 -35.48 -3.75 24.35
C GLU B 197 -36.73 -4.60 24.19
N GLN B 198 -37.00 -5.08 22.97
CA GLN B 198 -38.08 -6.04 22.73
C GLN B 198 -37.78 -7.34 23.40
N MET B 199 -36.49 -7.70 23.39
CA MET B 199 -36.07 -8.90 24.08
C MET B 199 -36.30 -8.78 25.60
N ARG B 200 -35.87 -7.64 26.18
CA ARG B 200 -36.02 -7.38 27.63
C ARG B 200 -37.48 -7.21 28.01
N GLN B 201 -38.31 -6.78 27.06
CA GLN B 201 -39.77 -6.91 27.22
C GLN B 201 -40.29 -8.37 27.39
N LEU B 202 -39.74 -9.29 26.58
CA LEU B 202 -40.05 -10.73 26.69
C LEU B 202 -39.61 -11.33 28.02
N VAL B 203 -38.39 -11.00 28.47
CA VAL B 203 -37.90 -11.38 29.83
C VAL B 203 -38.88 -10.91 30.94
N ALA B 204 -39.12 -9.61 30.97
CA ALA B 204 -39.96 -8.95 31.97
C ALA B 204 -41.40 -9.49 31.94
N SER B 205 -41.87 -9.90 30.76
CA SER B 205 -43.21 -10.47 30.67
C SER B 205 -43.28 -12.00 30.98
N GLY B 206 -42.20 -12.61 31.49
CA GLY B 206 -42.18 -14.04 31.69
C GLY B 206 -42.15 -14.93 30.43
N LYS B 207 -42.08 -14.34 29.23
CA LYS B 207 -42.11 -15.12 27.99
C LYS B 207 -40.72 -15.60 27.53
N LEU B 208 -39.69 -15.05 28.14
CA LEU B 208 -38.33 -15.46 27.86
C LEU B 208 -37.58 -15.70 29.20
N ASP B 209 -36.92 -16.85 29.38
CA ASP B 209 -35.96 -16.91 30.53
C ASP B 209 -34.47 -16.70 30.17
N LEU B 210 -33.86 -15.70 30.83
CA LEU B 210 -32.46 -15.27 30.64
C LEU B 210 -31.59 -15.95 31.66
N LYS B 211 -30.50 -16.53 31.20
CA LYS B 211 -29.54 -17.15 32.10
C LYS B 211 -28.26 -16.55 31.66
N ILE B 212 -27.56 -15.94 32.59
CA ILE B 212 -26.32 -15.31 32.27
C ILE B 212 -25.20 -16.28 32.62
N GLY B 213 -24.50 -16.73 31.58
CA GLY B 213 -23.37 -17.63 31.75
C GLY B 213 -22.97 -18.39 30.51
N GLN B 214 -22.52 -19.64 30.68
CA GLN B 214 -21.97 -20.48 29.64
C GLN B 214 -22.37 -21.97 29.76
N ILE B 215 -22.58 -22.61 28.62
CA ILE B 215 -23.06 -23.99 28.60
C ILE B 215 -21.90 -24.94 28.80
N THR B 216 -21.99 -25.84 29.79
CA THR B 216 -20.86 -26.72 30.14
C THR B 216 -21.04 -28.18 29.71
N GLU B 217 -22.25 -28.59 29.37
CA GLU B 217 -22.49 -29.95 28.88
C GLU B 217 -23.90 -30.02 28.32
N LEU B 218 -24.13 -31.07 27.56
CA LEU B 218 -25.43 -31.30 26.91
C LEU B 218 -26.10 -32.66 27.28
N GLN B 219 -27.45 -32.68 27.22
CA GLN B 219 -28.23 -33.90 27.50
C GLN B 219 -29.01 -34.37 26.26
N GLY B 220 -28.83 -35.64 25.91
CA GLY B 220 -29.55 -36.22 24.82
C GLY B 220 -28.85 -37.34 24.09
N ASP B 221 -29.60 -38.42 23.82
CA ASP B 221 -29.08 -39.55 23.06
C ASP B 221 -29.30 -39.34 21.56
N ASN B 222 -28.65 -40.20 20.76
CA ASN B 222 -28.73 -40.21 19.29
C ASN B 222 -28.62 -38.82 18.63
N GLY B 223 -27.84 -37.91 19.24
CA GLY B 223 -27.74 -36.51 18.77
C GLY B 223 -29.03 -35.67 18.83
N GLN B 224 -29.96 -36.03 19.73
CA GLN B 224 -31.22 -35.29 19.96
C GLN B 224 -31.24 -34.65 21.37
N LEU B 225 -31.37 -33.32 21.43
CA LEU B 225 -31.35 -32.57 22.70
C LEU B 225 -32.62 -32.70 23.48
N THR B 226 -32.39 -32.73 24.78
CA THR B 226 -33.43 -32.66 25.79
C THR B 226 -33.15 -31.54 26.78
N GLY B 227 -31.89 -31.28 27.08
CA GLY B 227 -31.60 -30.20 27.97
C GLY B 227 -30.15 -29.80 27.85
N ALA B 228 -29.75 -28.90 28.71
CA ALA B 228 -28.39 -28.39 28.71
C ALA B 228 -28.11 -27.91 30.12
N THR B 229 -26.83 -28.02 30.54
CA THR B 229 -26.31 -27.42 31.79
C THR B 229 -25.66 -26.07 31.45
N VAL B 230 -26.11 -25.01 32.14
CA VAL B 230 -25.44 -23.73 32.17
C VAL B 230 -24.78 -23.48 33.52
N LYS B 231 -23.56 -22.95 33.49
CA LYS B 231 -22.88 -22.44 34.64
C LYS B 231 -22.99 -20.92 34.67
N LEU B 232 -23.62 -20.39 35.74
CA LEU B 232 -23.91 -18.99 35.94
C LEU B 232 -22.71 -18.29 36.55
N ASN B 233 -22.77 -16.98 36.66
CA ASN B 233 -21.65 -16.21 37.05
C ASN B 233 -21.41 -16.16 38.55
N ASP B 234 -22.18 -16.95 39.30
CA ASP B 234 -21.95 -17.12 40.72
C ASP B 234 -21.36 -18.50 41.00
N ASN B 235 -20.77 -19.15 39.99
CA ASN B 235 -20.35 -20.56 40.03
C ASN B 235 -21.43 -21.60 40.38
N THR B 236 -22.68 -21.29 40.04
CA THR B 236 -23.86 -22.16 40.21
C THR B 236 -24.21 -22.77 38.86
N THR B 237 -24.70 -24.02 38.85
CA THR B 237 -25.25 -24.60 37.58
C THR B 237 -26.75 -24.67 37.67
N SER B 238 -27.37 -24.94 36.52
CA SER B 238 -28.82 -24.85 36.42
C SER B 238 -29.19 -25.60 35.15
N GLN B 239 -30.36 -26.24 35.15
CA GLN B 239 -30.79 -27.01 33.95
C GLN B 239 -31.75 -26.22 33.10
N ILE B 240 -31.68 -26.53 31.81
CA ILE B 240 -32.54 -25.89 30.81
C ILE B 240 -33.17 -27.06 30.02
N LYS B 241 -34.48 -26.94 29.76
CA LYS B 241 -35.20 -27.84 28.88
C LYS B 241 -35.15 -27.27 27.43
N CYS B 242 -34.65 -28.09 26.50
CA CYS B 242 -34.51 -27.66 25.10
C CYS B 242 -34.54 -28.88 24.17
N ASP B 243 -35.43 -28.79 23.17
CA ASP B 243 -35.42 -29.64 21.98
C ASP B 243 -34.38 -29.18 20.91
N ALA B 244 -34.02 -27.89 20.93
CA ALA B 244 -33.12 -27.37 19.95
C ALA B 244 -32.25 -26.27 20.59
N MET B 245 -30.95 -26.33 20.27
CA MET B 245 -29.91 -25.34 20.65
C MET B 245 -29.39 -24.67 19.37
N LEU B 246 -29.52 -23.37 19.31
CA LEU B 246 -29.09 -22.59 18.18
C LEU B 246 -27.95 -21.64 18.68
N PRO B 247 -26.66 -22.03 18.47
CA PRO B 247 -25.53 -21.14 18.79
C PRO B 247 -25.27 -20.07 17.74
N PHE B 248 -25.17 -18.83 18.23
CA PHE B 248 -24.82 -17.68 17.44
C PHE B 248 -23.65 -16.98 18.10
N PHE B 249 -22.49 -17.63 17.95
CA PHE B 249 -21.20 -17.20 18.48
C PHE B 249 -20.44 -16.49 17.37
N GLY B 250 -21.13 -16.04 16.33
CA GLY B 250 -20.44 -15.42 15.23
C GLY B 250 -19.82 -16.47 14.33
N LEU B 251 -18.90 -15.97 13.49
CA LEU B 251 -18.26 -16.75 12.44
C LEU B 251 -16.79 -16.91 12.72
N THR B 252 -16.19 -17.85 12.03
CA THR B 252 -14.81 -18.17 12.19
C THR B 252 -14.32 -18.73 10.88
N MET B 253 -13.01 -18.80 10.72
CA MET B 253 -12.43 -19.14 9.44
C MET B 253 -11.80 -20.49 9.50
N LYS B 254 -12.22 -21.36 8.61
CA LYS B 254 -11.63 -22.70 8.48
C LYS B 254 -11.10 -22.77 7.06
N LEU B 255 -10.09 -23.57 6.85
CA LEU B 255 -9.54 -23.72 5.52
C LEU B 255 -10.63 -24.02 4.45
N GLY B 256 -11.54 -24.96 4.77
CA GLY B 256 -12.63 -25.38 3.90
C GLY B 256 -12.20 -25.94 2.55
N PRO B 257 -12.98 -25.64 1.50
CA PRO B 257 -12.83 -26.21 0.15
C PRO B 257 -11.47 -26.07 -0.56
N VAL B 258 -10.67 -25.09 -0.18
CA VAL B 258 -9.33 -24.92 -0.73
C VAL B 258 -8.51 -26.20 -0.63
N ALA B 259 -8.74 -26.91 0.45
CA ALA B 259 -8.13 -28.23 0.64
C ALA B 259 -8.40 -29.24 -0.48
N ASN B 260 -9.51 -29.10 -1.22
CA ASN B 260 -9.98 -30.17 -2.11
C ASN B 260 -9.76 -29.95 -3.60
N TRP B 261 -8.78 -29.11 -3.95
CA TRP B 261 -8.60 -28.64 -5.32
C TRP B 261 -7.22 -29.02 -5.84
N GLY B 262 -6.62 -30.03 -5.23
CA GLY B 262 -5.30 -30.50 -5.70
C GLY B 262 -4.27 -29.43 -5.82
N LEU B 263 -4.26 -28.53 -4.83
CA LEU B 263 -3.11 -27.64 -4.63
C LEU B 263 -2.15 -28.18 -3.56
N ASP B 264 -0.86 -28.06 -3.88
CA ASP B 264 0.18 -28.53 -3.00
C ASP B 264 0.33 -27.55 -1.86
N LEU B 265 -0.51 -27.64 -0.83
CA LEU B 265 -0.44 -26.80 0.36
C LEU B 265 0.77 -27.03 1.25
N GLU B 266 1.12 -26.01 2.00
CA GLU B 266 2.15 -26.13 3.03
C GLU B 266 1.65 -25.35 4.23
N ASN B 267 1.42 -26.04 5.35
CA ASN B 267 0.82 -25.46 6.53
C ASN B 267 -0.44 -24.70 6.22
N ASN B 268 -1.28 -25.30 5.39
CA ASN B 268 -2.58 -24.76 4.97
C ASN B 268 -2.50 -23.43 4.19
N LEU B 269 -1.35 -23.24 3.52
CA LEU B 269 -1.12 -22.10 2.73
C LEU B 269 -0.72 -22.56 1.35
N ILE B 270 -1.08 -21.78 0.34
CA ILE B 270 -0.74 -22.15 -1.04
C ILE B 270 0.64 -21.53 -1.42
N PRO B 271 1.67 -22.36 -1.68
CA PRO B 271 2.94 -21.83 -2.16
C PRO B 271 2.81 -21.22 -3.54
N VAL B 272 3.65 -20.22 -3.79
CA VAL B 272 3.38 -19.33 -4.89
C VAL B 272 4.70 -18.70 -5.37
N ASP B 273 4.78 -18.49 -6.68
CA ASP B 273 5.95 -17.89 -7.32
C ASP B 273 5.98 -16.42 -6.91
N THR B 274 7.17 -15.89 -6.57
CA THR B 274 7.24 -14.52 -6.10
C THR B 274 7.23 -13.47 -7.20
N GLY B 275 7.28 -13.89 -8.47
CA GLY B 275 7.15 -12.98 -9.59
C GLY B 275 5.74 -12.84 -10.15
N THR B 276 4.94 -13.86 -10.05
CA THR B 276 3.61 -13.88 -10.65
C THR B 276 2.52 -14.30 -9.70
N PHE B 277 2.87 -14.78 -8.51
CA PHE B 277 1.88 -15.26 -7.54
C PHE B 277 0.96 -16.33 -8.06
N GLU B 278 1.56 -17.11 -8.92
CA GLU B 278 0.92 -18.22 -9.48
C GLU B 278 1.29 -19.41 -8.65
N THR B 279 0.40 -20.36 -8.66
CA THR B 279 0.65 -21.65 -8.07
C THR B 279 1.36 -22.61 -9.02
N ASN B 280 1.64 -23.78 -8.49
CA ASN B 280 1.81 -25.06 -9.22
C ASN B 280 0.93 -25.42 -10.38
N VAL B 281 -0.30 -24.93 -10.39
CA VAL B 281 -1.22 -25.18 -11.47
C VAL B 281 -1.36 -23.93 -12.34
N PRO B 282 -0.89 -23.99 -13.59
CA PRO B 282 -0.91 -22.73 -14.36
C PRO B 282 -2.35 -22.25 -14.52
N GLY B 283 -2.55 -20.94 -14.34
CA GLY B 283 -3.85 -20.34 -14.44
C GLY B 283 -4.52 -20.22 -13.11
N ILE B 284 -3.94 -20.85 -12.09
CA ILE B 284 -4.39 -20.65 -10.69
C ILE B 284 -3.35 -19.81 -9.93
N PHE B 285 -3.82 -18.68 -9.40
CA PHE B 285 -3.03 -17.77 -8.59
C PHE B 285 -3.60 -17.74 -7.19
N ALA B 286 -2.78 -17.26 -6.28
CA ALA B 286 -3.18 -17.10 -4.90
C ALA B 286 -2.51 -15.89 -4.40
N ILE B 287 -3.33 -14.99 -3.88
CA ILE B 287 -2.87 -13.72 -3.33
C ILE B 287 -3.59 -13.53 -1.98
N GLY B 288 -3.01 -12.71 -1.17
CA GLY B 288 -3.51 -12.44 0.14
C GLY B 288 -3.00 -13.41 1.17
N ASP B 289 -3.70 -13.39 2.32
CA ASP B 289 -3.28 -14.25 3.46
C ASP B 289 -3.39 -15.74 3.18
N ILE B 290 -4.01 -16.19 2.10
CA ILE B 290 -4.01 -17.63 1.78
C ILE B 290 -2.69 -18.17 1.26
N ASN B 291 -1.72 -17.32 0.91
CA ASN B 291 -0.54 -17.81 0.20
C ASN B 291 0.72 -17.96 1.06
N THR B 292 1.80 -18.44 0.41
CA THR B 292 3.09 -18.44 1.08
C THR B 292 4.24 -18.44 0.13
N TYR B 293 5.34 -17.89 0.62
CA TYR B 293 6.59 -17.75 -0.07
C TYR B 293 7.60 -17.29 0.97
N PRO B 294 8.87 -17.41 0.66
CA PRO B 294 9.85 -17.03 1.72
C PRO B 294 9.70 -15.54 2.06
N GLY B 295 9.51 -15.27 3.37
CA GLY B 295 9.34 -13.94 3.90
C GLY B 295 7.94 -13.41 3.88
N LYS B 296 6.98 -14.17 3.32
CA LYS B 296 5.56 -13.75 3.36
C LYS B 296 5.21 -13.16 4.74
N LEU B 297 4.41 -12.10 4.70
CA LEU B 297 3.85 -11.46 5.84
C LEU B 297 2.36 -11.33 5.58
N LYS B 298 1.50 -11.70 6.56
CA LYS B 298 0.07 -11.61 6.40
C LYS B 298 -0.38 -10.18 6.57
N LEU B 299 -0.05 -9.33 5.61
CA LEU B 299 -0.37 -7.93 5.65
C LEU B 299 -1.25 -7.56 4.44
N ILE B 300 -2.15 -6.60 4.63
CA ILE B 300 -3.04 -6.23 3.57
C ILE B 300 -2.19 -5.74 2.42
N LEU B 301 -1.22 -4.89 2.76
CA LEU B 301 -0.41 -4.21 1.78
C LEU B 301 0.36 -5.16 0.92
N SER B 302 0.72 -6.34 1.45
CA SER B 302 1.36 -7.36 0.61
C SER B 302 0.42 -7.96 -0.40
N GLY B 303 -0.83 -8.22 0.00
CA GLY B 303 -1.85 -8.73 -0.87
C GLY B 303 -2.11 -7.84 -2.06
N PHE B 304 -2.04 -6.55 -1.83
CA PHE B 304 -2.05 -5.55 -2.88
C PHE B 304 -0.96 -5.76 -3.93
N HIS B 305 0.29 -5.85 -3.47
CA HIS B 305 1.47 -6.11 -4.34
C HIS B 305 1.24 -7.36 -5.16
N GLU B 306 0.76 -8.38 -4.46
CA GLU B 306 0.54 -9.70 -4.97
C GLU B 306 -0.53 -9.70 -6.07
N GLY B 307 -1.63 -8.94 -5.84
CA GLY B 307 -2.65 -8.71 -6.86
C GLY B 307 -2.11 -8.01 -8.11
N ALA B 308 -1.27 -6.98 -7.94
CA ALA B 308 -0.68 -6.26 -9.06
C ALA B 308 0.20 -7.17 -9.93
N LEU B 309 1.05 -7.97 -9.31
CA LEU B 309 1.91 -8.87 -10.07
C LEU B 309 1.19 -10.03 -10.70
N MET B 310 0.29 -10.64 -9.95
CA MET B 310 -0.68 -11.60 -10.54
C MET B 310 -1.36 -11.06 -11.76
N ALA B 311 -1.85 -9.84 -11.74
CA ALA B 311 -2.60 -9.35 -12.85
C ALA B 311 -1.75 -9.44 -14.13
N GLN B 312 -0.49 -9.03 -14.02
CA GLN B 312 0.51 -9.03 -15.16
C GLN B 312 0.60 -10.38 -15.81
N LYS B 313 0.53 -11.41 -15.02
CA LYS B 313 0.59 -12.77 -15.55
C LYS B 313 -0.78 -13.19 -16.11
N ALA B 314 -1.83 -12.88 -15.38
CA ALA B 314 -3.14 -13.34 -15.78
C ALA B 314 -3.57 -12.72 -17.08
N VAL B 315 -3.15 -11.51 -17.43
CA VAL B 315 -3.51 -11.01 -18.76
C VAL B 315 -2.99 -11.88 -19.89
N LYS B 316 -1.80 -12.44 -19.74
CA LYS B 316 -1.21 -13.21 -20.85
C LYS B 316 -2.02 -14.47 -21.15
N TYR B 317 -2.73 -14.99 -20.15
CA TYR B 317 -3.66 -16.09 -20.40
C TYR B 317 -4.97 -15.63 -21.04
N VAL B 318 -5.49 -14.47 -20.65
CA VAL B 318 -6.77 -13.95 -21.13
C VAL B 318 -6.66 -13.33 -22.52
N TYR B 319 -5.58 -12.58 -22.71
CA TYR B 319 -5.27 -12.04 -24.01
C TYR B 319 -3.89 -12.50 -24.44
N PRO B 320 -3.74 -13.72 -24.98
CA PRO B 320 -2.38 -14.19 -25.38
C PRO B 320 -1.68 -13.52 -26.60
N ASP B 321 -2.46 -12.97 -27.53
CA ASP B 321 -1.86 -12.37 -28.72
C ASP B 321 -1.41 -10.93 -28.36
N LYS B 322 -1.98 -10.34 -27.30
CA LYS B 322 -1.84 -8.91 -26.99
C LYS B 322 -0.54 -8.67 -26.21
N ARG B 323 0.31 -7.80 -26.72
CA ARG B 323 1.51 -7.46 -25.98
C ARG B 323 1.11 -6.37 -24.98
N VAL B 324 1.51 -6.56 -23.72
CA VAL B 324 1.24 -5.60 -22.63
C VAL B 324 2.25 -4.45 -22.82
N VAL B 325 1.76 -3.20 -22.86
CA VAL B 325 2.66 -2.05 -22.69
C VAL B 325 2.44 -1.44 -21.29
N PHE B 326 3.50 -1.40 -20.50
CA PHE B 326 3.46 -0.77 -19.21
C PHE B 326 3.12 0.72 -19.28
N GLN B 327 1.95 1.09 -18.72
CA GLN B 327 1.54 2.48 -18.54
C GLN B 327 1.21 2.82 -17.10
N TYR B 328 1.39 4.10 -16.75
CA TYR B 328 0.97 4.67 -15.45
C TYR B 328 -0.41 5.30 -15.42
N THR B 329 -1.14 5.07 -14.32
CA THR B 329 -2.48 5.66 -14.10
C THR B 329 -2.49 7.17 -14.12
N THR B 330 -1.43 7.77 -13.62
CA THR B 330 -1.31 9.23 -13.62
C THR B 330 -1.22 9.92 -15.00
N SER B 331 -0.55 9.28 -15.94
CA SER B 331 -0.14 9.90 -17.21
C SER B 331 -0.78 9.27 -18.49
N SER B 332 -1.40 8.11 -18.37
CA SER B 332 -2.04 7.41 -19.45
C SER B 332 -3.55 7.65 -19.51
N THR B 333 -4.00 8.22 -20.63
CA THR B 333 -5.41 8.51 -20.85
C THR B 333 -6.22 7.23 -21.17
N ASN B 334 -5.60 6.27 -21.86
CA ASN B 334 -6.17 4.92 -22.01
C ASN B 334 -6.63 4.29 -20.67
N LEU B 335 -5.74 4.33 -19.68
CA LEU B 335 -6.00 3.84 -18.32
C LEU B 335 -7.06 4.70 -17.62
N GLN B 336 -6.91 6.02 -17.70
CA GLN B 336 -7.93 6.97 -17.23
C GLN B 336 -9.30 6.76 -17.90
N LYS B 337 -9.33 6.32 -19.14
CA LYS B 337 -10.59 6.02 -19.82
C LYS B 337 -11.19 4.79 -19.15
N LYS B 338 -10.38 3.76 -18.93
CA LYS B 338 -10.84 2.55 -18.17
C LYS B 338 -11.37 2.91 -16.75
N LEU B 339 -10.77 3.89 -16.06
CA LEU B 339 -11.21 4.36 -14.73
C LEU B 339 -12.46 5.28 -14.69
N GLY B 340 -12.90 5.76 -15.86
CA GLY B 340 -14.02 6.66 -15.97
C GLY B 340 -13.60 8.02 -15.50
N VAL B 341 -12.33 8.39 -15.71
CA VAL B 341 -11.86 9.79 -15.60
C VAL B 341 -11.80 10.54 -17.01
N ASN B 342 -12.63 11.58 -17.13
CA ASN B 342 -12.99 12.20 -18.41
C ASN B 342 -11.77 12.43 -19.28
#